data_5L7V
#
_entry.id   5L7V
#
_cell.length_a   55.504
_cell.length_b   148.386
_cell.length_c   147.659
_cell.angle_alpha   90.000
_cell.angle_beta   90.000
_cell.angle_gamma   90.000
#
_symmetry.space_group_name_H-M   'P 21 21 21'
#
loop_
_entity.id
_entity.type
_entity.pdbx_description
1 polymer 'glycoside hydrolase'
2 non-polymer (3aR,5R,6R,7R,7aR)-5-(hydroxymethyl)-2-methyl-5,6,7,7a-tetrahydro-3aH-pyrano[3,2-d][1,3]thiazole-6,7-diol
3 water water
#
_entity_poly.entity_id   1
_entity_poly.type   'polypeptide(L)'
_entity_poly.pdbx_seq_one_letter_code
;QTSEYYQEAANPIATNPALWAKVTAPQISWGSTDIRYKKEEPAPIHSAQKSMNLTAWKGEKISAQLVVWTPKVLNDLTFM
VSDLTSGSATISKENIRTGFVRYVITDELNKDGLGACGYRNSADFDSTLVADVIDHITPTLTLPANSTQGGWISVNIPQG
TKAGKYTGTVTVKADGITLSELKLNLQVKNRTLPPPSEWAFHLDLWQNPYAVSRYYNVEPFSKKHFDLMRPLMKLYADAG
GKVITASIMHKPWNGQTYDAFESMVTWLKKADGTWYFDYTVFDKWVEFMMDLGVKKQISCYSMVPWRLSFQYFDQASNSF
KFLDAKPGEVAYEEFWMNMLQDFSKHLKAKGWFDITHIAMDERPMKDMQETLKVIRKADKDFKVSLAGTYHKELLDDLND
YCITIAEKFTPEEIEARRKAGKVTTYYTCCTEPRPNTFTFSEPAEAEWLAWHSAKENLDGYLRWALNSWVKNPLQDSRFT
AWAAGDTYMIYPGARSSIRLERLTEGIQFFEKVRILKEEFEEKGNKGAIKNIDKTLKMFDESSMDKISPTTAVNKAKKVI
NRY
;
_entity_poly.pdbx_strand_id   A,B
#
# COMPACT_ATOMS: atom_id res chain seq x y z
N GLN A 1 -23.01 7.94 -28.09
CA GLN A 1 -22.40 9.19 -28.66
C GLN A 1 -22.44 10.34 -27.58
N THR A 2 -23.58 11.04 -27.41
CA THR A 2 -23.90 11.91 -26.25
C THR A 2 -23.76 11.34 -24.86
N SER A 3 -24.13 10.06 -24.70
CA SER A 3 -23.99 9.33 -23.43
C SER A 3 -22.51 9.07 -23.05
N GLU A 4 -21.60 9.18 -24.03
CA GLU A 4 -20.18 9.15 -23.76
C GLU A 4 -19.54 10.52 -23.41
N TYR A 5 -20.28 11.62 -23.39
CA TYR A 5 -19.67 12.89 -22.97
C TYR A 5 -19.43 12.83 -21.50
N TYR A 6 -18.45 13.60 -21.03
CA TYR A 6 -18.06 13.53 -19.63
C TYR A 6 -17.34 14.78 -19.17
N GLN A 7 -17.27 14.91 -17.85
CA GLN A 7 -16.44 15.96 -17.22
C GLN A 7 -15.20 15.34 -16.56
N GLU A 8 -14.07 16.01 -16.75
CA GLU A 8 -12.83 15.69 -16.06
C GLU A 8 -12.92 16.02 -14.60
N ALA A 9 -11.99 15.49 -13.82
CA ALA A 9 -11.93 15.80 -12.42
C ALA A 9 -11.34 17.18 -12.26
N ALA A 10 -11.58 17.74 -11.06
CA ALA A 10 -10.92 18.98 -10.63
C ALA A 10 -9.39 18.81 -10.61
N ASN A 11 -8.70 19.81 -11.14
CA ASN A 11 -7.25 19.89 -11.04
C ASN A 11 -6.82 20.00 -9.55
N PRO A 12 -5.97 19.06 -9.07
CA PRO A 12 -5.39 19.23 -7.70
C PRO A 12 -4.34 20.36 -7.60
N ILE A 13 -3.84 20.84 -8.73
CA ILE A 13 -2.92 21.96 -8.78
C ILE A 13 -3.74 23.19 -9.18
N ALA A 14 -3.74 24.18 -8.30
CA ALA A 14 -4.30 25.51 -8.59
C ALA A 14 -3.55 26.20 -9.76
N THR A 15 -4.31 26.92 -10.58
CA THR A 15 -3.79 27.67 -11.70
C THR A 15 -3.18 28.98 -11.15
N ASN A 16 -1.98 29.32 -11.60
CA ASN A 16 -1.28 30.52 -11.14
C ASN A 16 -1.36 31.63 -12.20
N PRO A 17 -2.13 32.70 -11.93
CA PRO A 17 -2.30 33.77 -12.94
C PRO A 17 -1.02 34.44 -13.41
N ALA A 18 0.01 34.42 -12.57
CA ALA A 18 1.33 35.01 -12.90
C ALA A 18 2.00 34.28 -14.09
N LEU A 19 1.90 32.95 -14.12
CA LEU A 19 2.42 32.16 -15.25
C LEU A 19 1.82 32.55 -16.59
N TRP A 20 0.62 33.12 -16.55
CA TRP A 20 -0.12 33.47 -17.77
C TRP A 20 -0.10 34.93 -18.22
N ALA A 21 0.58 35.81 -17.49
CA ALA A 21 0.56 37.25 -17.81
C ALA A 21 1.20 37.64 -19.17
N LYS A 22 2.22 36.91 -19.62
CA LYS A 22 2.83 37.18 -20.93
C LYS A 22 2.08 36.50 -22.12
N VAL A 23 0.99 35.79 -21.83
CA VAL A 23 0.06 35.28 -22.85
C VAL A 23 -1.07 36.31 -23.10
N THR A 24 -0.98 37.02 -24.22
CA THR A 24 -1.88 38.14 -24.56
C THR A 24 -3.13 37.72 -25.31
N ALA A 25 -2.93 36.77 -26.23
CA ALA A 25 -3.96 36.29 -27.14
C ALA A 25 -3.91 34.75 -27.08
N PRO A 26 -4.95 34.07 -27.58
CA PRO A 26 -4.85 32.61 -27.61
C PRO A 26 -3.77 32.15 -28.62
N GLN A 27 -3.07 31.05 -28.31
CA GLN A 27 -1.94 30.55 -29.12
C GLN A 27 -2.24 29.14 -29.61
N ILE A 28 -1.92 28.91 -30.87
CA ILE A 28 -2.14 27.66 -31.55
C ILE A 28 -0.86 27.24 -32.24
N SER A 29 -0.40 26.03 -31.94
CA SER A 29 0.86 25.52 -32.48
C SER A 29 0.89 24.00 -32.57
N TRP A 30 1.58 23.49 -33.57
CA TRP A 30 2.08 22.14 -33.50
C TRP A 30 2.91 21.93 -32.25
N GLY A 31 2.77 20.74 -31.66
CA GLY A 31 3.51 20.32 -30.46
C GLY A 31 4.27 19.03 -30.77
N SER A 32 4.37 18.16 -29.79
CA SER A 32 5.12 16.90 -29.94
C SER A 32 4.29 15.70 -29.40
N THR A 33 4.39 14.57 -30.08
CA THR A 33 3.74 13.38 -29.59
C THR A 33 4.52 12.77 -28.43
N ASP A 34 5.70 13.29 -28.10
CA ASP A 34 6.44 12.91 -26.89
C ASP A 34 5.99 13.60 -25.62
N ILE A 35 5.00 14.48 -25.67
CA ILE A 35 4.73 15.35 -24.53
C ILE A 35 3.25 15.39 -24.10
N ARG A 36 3.08 15.31 -22.78
CA ARG A 36 1.82 15.51 -22.09
C ARG A 36 1.82 16.93 -21.56
N TYR A 37 1.02 17.80 -22.20
CA TYR A 37 0.99 19.21 -21.88
C TYR A 37 0.10 19.35 -20.69
N LYS A 38 0.61 20.00 -19.63
CA LYS A 38 -0.15 20.26 -18.42
C LYS A 38 -1.26 21.28 -18.70
N LYS A 39 -2.36 21.12 -17.97
CA LYS A 39 -3.57 21.89 -18.16
C LYS A 39 -3.44 23.36 -17.64
N GLU A 40 -2.82 23.50 -16.47
CA GLU A 40 -2.74 24.73 -15.68
C GLU A 40 -1.55 25.67 -15.98
N GLU A 41 -0.79 25.40 -17.03
CA GLU A 41 0.43 26.16 -17.39
C GLU A 41 0.39 26.39 -18.88
N PRO A 42 0.99 27.49 -19.33
CA PRO A 42 1.06 27.62 -20.77
C PRO A 42 1.97 26.60 -21.39
N ALA A 43 1.64 26.22 -22.62
CA ALA A 43 2.44 25.29 -23.38
C ALA A 43 3.87 25.77 -23.38
N PRO A 44 4.85 24.89 -23.08
CA PRO A 44 6.26 25.27 -23.11
C PRO A 44 6.79 25.35 -24.55
N ILE A 45 6.34 26.36 -25.29
CA ILE A 45 6.66 26.55 -26.71
C ILE A 45 6.88 28.04 -26.90
N HIS A 46 8.11 28.43 -27.19
CA HIS A 46 8.39 29.85 -27.31
C HIS A 46 8.16 30.42 -28.70
N SER A 47 7.92 29.58 -29.69
CA SER A 47 7.63 30.01 -31.06
C SER A 47 6.48 29.21 -31.63
N ALA A 48 5.51 29.86 -32.27
CA ALA A 48 4.47 29.14 -32.99
C ALA A 48 5.10 28.38 -34.16
N GLN A 49 5.09 27.05 -34.08
CA GLN A 49 5.49 26.19 -35.20
C GLN A 49 4.22 25.95 -36.02
N LYS A 50 4.22 26.46 -37.24
CA LYS A 50 3.03 26.47 -38.08
C LYS A 50 2.96 25.28 -39.04
N SER A 51 4.11 24.66 -39.33
CA SER A 51 4.18 23.48 -40.22
C SER A 51 4.58 22.23 -39.46
N MET A 52 4.15 21.06 -39.97
CA MET A 52 4.54 19.74 -39.44
C MET A 52 4.93 18.83 -40.59
N ASN A 53 6.19 18.36 -40.55
CA ASN A 53 6.75 17.42 -41.53
C ASN A 53 6.74 16.01 -40.96
N LEU A 54 5.92 15.16 -41.56
CA LEU A 54 5.83 13.76 -41.21
C LEU A 54 6.33 12.92 -42.38
N THR A 55 6.90 11.77 -42.04
CA THR A 55 7.37 10.78 -43.02
C THR A 55 6.67 9.48 -42.66
N ALA A 56 6.19 8.75 -43.66
CA ALA A 56 5.52 7.46 -43.41
C ALA A 56 5.49 6.54 -44.62
N TRP A 57 5.26 5.25 -44.33
CA TRP A 57 5.12 4.22 -45.35
C TRP A 57 3.68 4.18 -45.81
N LYS A 58 3.39 3.56 -46.96
CA LYS A 58 2.00 3.33 -47.33
C LYS A 58 1.49 2.34 -46.30
N GLY A 59 0.26 2.50 -45.82
CA GLY A 59 -0.32 1.53 -44.88
C GLY A 59 -0.12 1.88 -43.43
N GLU A 60 0.83 2.76 -43.16
CA GLU A 60 1.19 3.16 -41.81
C GLU A 60 0.18 4.16 -41.20
N LYS A 61 -0.03 4.06 -39.88
CA LYS A 61 -0.72 5.06 -39.07
C LYS A 61 0.31 5.96 -38.37
N ILE A 62 0.16 7.26 -38.56
CA ILE A 62 1.14 8.20 -38.05
C ILE A 62 0.40 9.34 -37.40
N SER A 63 1.00 9.90 -36.36
CA SER A 63 0.32 10.92 -35.55
C SER A 63 1.14 12.19 -35.30
N ALA A 64 0.45 13.21 -34.83
CA ALA A 64 1.05 14.49 -34.47
C ALA A 64 0.18 15.13 -33.43
N GLN A 65 0.77 15.90 -32.53
CA GLN A 65 -0.04 16.63 -31.54
C GLN A 65 0.04 18.16 -31.84
N LEU A 66 -1.12 18.81 -31.76
CA LEU A 66 -1.19 20.26 -31.80
C LEU A 66 -1.57 20.70 -30.40
N VAL A 67 -1.26 21.95 -30.08
CA VAL A 67 -1.60 22.50 -28.77
C VAL A 67 -2.24 23.88 -28.88
N VAL A 68 -3.25 24.08 -28.02
CA VAL A 68 -3.96 25.33 -27.88
C VAL A 68 -3.86 25.79 -26.43
N TRP A 69 -3.47 27.05 -26.21
CA TRP A 69 -3.55 27.62 -24.88
C TRP A 69 -3.99 29.06 -24.90
N THR A 70 -4.77 29.42 -23.89
CA THR A 70 -5.59 30.63 -23.92
C THR A 70 -5.63 31.36 -22.56
N PRO A 71 -5.49 32.68 -22.61
CA PRO A 71 -5.72 33.44 -21.40
C PRO A 71 -7.23 33.74 -21.16
N LYS A 72 -8.09 33.47 -22.15
CA LYS A 72 -9.52 33.74 -22.05
C LYS A 72 -10.30 32.48 -22.33
N VAL A 73 -11.58 32.53 -21.99
CA VAL A 73 -12.50 31.44 -22.21
C VAL A 73 -12.71 31.29 -23.71
N LEU A 74 -12.51 30.07 -24.22
CA LEU A 74 -12.79 29.74 -25.62
C LEU A 74 -13.94 28.74 -25.65
N ASN A 75 -15.07 29.15 -26.21
CA ASN A 75 -16.29 28.33 -26.25
C ASN A 75 -16.27 27.45 -27.48
N ASP A 76 -16.71 26.21 -27.31
CA ASP A 76 -16.89 25.28 -28.43
C ASP A 76 -15.67 25.20 -29.36
N LEU A 77 -14.50 24.97 -28.75
CA LEU A 77 -13.27 24.67 -29.46
C LEU A 77 -13.43 23.39 -30.27
N THR A 78 -12.94 23.41 -31.49
CA THR A 78 -13.16 22.33 -32.45
C THR A 78 -11.93 22.28 -33.32
N PHE A 79 -11.61 21.11 -33.88
CA PHE A 79 -10.70 21.08 -35.02
C PHE A 79 -11.09 20.04 -36.04
N MET A 80 -11.23 20.48 -37.29
CA MET A 80 -11.39 19.60 -38.42
C MET A 80 -10.03 19.60 -39.12
N VAL A 81 -9.82 18.63 -40.00
CA VAL A 81 -8.64 18.51 -40.86
C VAL A 81 -9.16 18.34 -42.25
N SER A 82 -8.45 18.88 -43.24
CA SER A 82 -8.83 18.76 -44.64
C SER A 82 -8.41 17.40 -45.21
N ASP A 83 -8.81 17.15 -46.45
CA ASP A 83 -8.16 16.17 -47.29
C ASP A 83 -6.69 16.53 -47.34
N LEU A 84 -5.84 15.55 -47.59
CA LEU A 84 -4.44 15.80 -47.93
C LEU A 84 -4.30 15.62 -49.43
N THR A 85 -3.83 16.66 -50.13
CA THR A 85 -3.76 16.64 -51.59
C THR A 85 -2.31 16.56 -52.02
N SER A 86 -2.09 15.96 -53.17
CA SER A 86 -0.78 15.83 -53.77
C SER A 86 -0.96 15.71 -55.27
N GLY A 87 -0.92 16.86 -55.96
CA GLY A 87 -1.22 16.95 -57.37
C GLY A 87 -2.60 16.39 -57.60
N SER A 88 -2.66 15.24 -58.27
CA SER A 88 -3.92 14.57 -58.62
C SER A 88 -4.41 13.52 -57.62
N ALA A 89 -3.51 12.99 -56.80
CA ALA A 89 -3.86 11.94 -55.81
C ALA A 89 -4.16 12.53 -54.43
N THR A 90 -4.99 11.81 -53.66
CA THR A 90 -5.60 12.33 -52.43
C THR A 90 -5.66 11.28 -51.33
N ILE A 91 -5.55 11.75 -50.09
CA ILE A 91 -5.83 10.95 -48.92
C ILE A 91 -7.10 11.55 -48.33
N SER A 92 -8.17 10.79 -48.34
CA SER A 92 -9.45 11.29 -47.86
C SER A 92 -9.36 11.64 -46.35
N LYS A 93 -10.11 12.67 -45.92
CA LYS A 93 -10.17 13.04 -44.49
C LYS A 93 -10.94 12.07 -43.57
N GLU A 94 -11.70 11.16 -44.19
CA GLU A 94 -12.20 9.92 -43.52
C GLU A 94 -11.08 9.10 -42.85
N ASN A 95 -9.87 9.16 -43.41
CA ASN A 95 -8.74 8.43 -42.88
C ASN A 95 -8.00 9.16 -41.77
N ILE A 96 -8.57 10.26 -41.26
CA ILE A 96 -7.91 11.07 -40.26
C ILE A 96 -8.83 11.23 -39.06
N ARG A 97 -8.35 10.79 -37.93
CA ARG A 97 -9.06 10.85 -36.69
C ARG A 97 -8.46 12.05 -35.91
N THR A 98 -9.32 12.93 -35.40
CA THR A 98 -8.93 14.00 -34.46
C THR A 98 -9.47 13.69 -33.07
N GLY A 99 -8.76 14.08 -32.02
CA GLY A 99 -9.32 13.99 -30.67
C GLY A 99 -8.72 15.00 -29.70
N PHE A 100 -9.49 15.33 -28.68
CA PHE A 100 -8.96 16.17 -27.62
C PHE A 100 -8.20 15.27 -26.67
N VAL A 101 -6.95 15.57 -26.42
CA VAL A 101 -6.16 14.86 -25.43
C VAL A 101 -6.59 15.30 -24.04
N ARG A 102 -7.42 14.50 -23.39
CA ARG A 102 -8.05 14.89 -22.11
C ARG A 102 -7.35 14.33 -20.89
N TYR A 103 -7.70 14.89 -19.75
CA TYR A 103 -6.92 14.80 -18.56
C TYR A 103 -7.51 13.82 -17.58
N VAL A 104 -6.59 13.01 -17.07
CA VAL A 104 -6.93 12.03 -16.09
C VAL A 104 -6.06 12.21 -14.83
N ILE A 105 -6.64 11.94 -13.68
CA ILE A 105 -5.88 11.95 -12.43
C ILE A 105 -4.90 10.78 -12.40
N THR A 106 -3.66 11.09 -12.02
CA THR A 106 -2.57 10.12 -11.86
C THR A 106 -1.82 10.35 -10.56
N ASP A 107 -0.86 9.48 -10.26
CA ASP A 107 0.09 9.69 -9.13
C ASP A 107 1.58 9.76 -9.55
N GLU A 108 2.35 8.72 -9.30
CA GLU A 108 3.81 8.77 -9.46
C GLU A 108 4.35 7.40 -9.06
N LEU A 109 5.66 7.21 -9.23
CA LEU A 109 6.29 5.96 -8.82
C LEU A 109 6.24 5.88 -7.30
N ASN A 110 6.53 4.71 -6.71
CA ASN A 110 6.73 4.60 -5.24
C ASN A 110 7.72 5.68 -4.79
N LYS A 111 7.65 6.06 -3.52
CA LYS A 111 8.41 7.23 -3.04
C LYS A 111 9.92 7.21 -3.40
N ASP A 112 10.54 6.03 -3.30
CA ASP A 112 11.97 5.85 -3.64
C ASP A 112 12.38 6.03 -5.13
N GLY A 113 11.42 5.96 -6.05
CA GLY A 113 11.69 6.00 -7.50
C GLY A 113 12.12 4.69 -8.19
N LEU A 114 12.17 3.56 -7.45
CA LEU A 114 12.73 2.26 -7.93
C LEU A 114 11.71 1.18 -8.32
N GLY A 115 10.43 1.54 -8.34
CA GLY A 115 9.37 0.56 -8.56
C GLY A 115 8.02 1.22 -8.42
N ALA A 116 6.95 0.45 -8.67
CA ALA A 116 5.58 0.90 -8.44
C ALA A 116 4.67 -0.23 -7.96
N CYS A 117 5.22 -1.14 -7.17
CA CYS A 117 4.49 -2.33 -6.78
C CYS A 117 3.86 -2.06 -5.41
N GLY A 118 2.91 -2.90 -5.03
CA GLY A 118 2.30 -2.87 -3.72
C GLY A 118 1.06 -2.00 -3.59
N TYR A 119 0.31 -2.27 -2.52
CA TYR A 119 -0.89 -1.50 -2.11
C TYR A 119 -0.60 -0.03 -1.80
N ARG A 120 -1.62 0.80 -2.03
CA ARG A 120 -1.51 2.25 -1.92
C ARG A 120 -2.78 2.84 -1.33
N ASN A 121 -2.62 3.78 -0.42
CA ASN A 121 -3.65 4.77 -0.12
C ASN A 121 -3.32 6.03 -0.91
N SER A 122 -4.30 6.52 -1.64
CA SER A 122 -4.10 7.69 -2.47
C SER A 122 -3.61 8.94 -1.68
N ALA A 123 -3.95 9.03 -0.39
CA ALA A 123 -3.42 10.12 0.46
C ALA A 123 -1.87 10.14 0.52
N ASP A 124 -1.26 8.94 0.54
CA ASP A 124 0.19 8.78 0.64
C ASP A 124 1.00 9.27 -0.59
N PHE A 125 0.33 9.57 -1.71
CA PHE A 125 1.02 9.96 -2.95
C PHE A 125 0.53 11.28 -3.55
N ASP A 126 1.35 11.84 -4.45
CA ASP A 126 0.99 13.01 -5.23
C ASP A 126 -0.22 12.71 -6.10
N SER A 127 -0.85 13.78 -6.54
CA SER A 127 -2.08 13.72 -7.29
C SER A 127 -2.03 14.85 -8.30
N THR A 128 -2.07 14.53 -9.58
CA THR A 128 -2.05 15.52 -10.65
C THR A 128 -2.94 15.09 -11.79
N LEU A 129 -3.25 16.05 -12.65
CA LEU A 129 -3.95 15.74 -13.89
C LEU A 129 -2.89 15.62 -14.96
N VAL A 130 -3.07 14.60 -15.82
CA VAL A 130 -2.16 14.38 -16.89
C VAL A 130 -2.92 14.02 -18.18
N ALA A 131 -2.43 14.54 -19.29
CA ALA A 131 -3.00 14.36 -20.62
C ALA A 131 -2.73 12.92 -21.11
N ASP A 132 -3.79 12.11 -21.25
CA ASP A 132 -3.64 10.73 -21.73
C ASP A 132 -4.72 10.25 -22.66
N VAL A 133 -5.95 10.74 -22.50
CA VAL A 133 -7.13 10.18 -23.21
C VAL A 133 -7.26 10.84 -24.53
N ILE A 134 -7.38 10.08 -25.61
CA ILE A 134 -7.59 10.58 -26.95
C ILE A 134 -9.12 10.54 -27.17
N ASP A 135 -9.80 11.68 -26.97
CA ASP A 135 -11.27 11.82 -27.03
C ASP A 135 -11.69 12.24 -28.38
N HIS A 136 -12.00 11.25 -29.21
CA HIS A 136 -12.38 11.44 -30.60
C HIS A 136 -13.86 11.56 -30.77
N ILE A 137 -14.59 11.55 -29.66
CA ILE A 137 -16.03 11.49 -29.68
C ILE A 137 -16.61 12.84 -29.42
N THR A 138 -16.19 13.50 -28.33
CA THR A 138 -16.67 14.83 -28.01
C THR A 138 -16.22 15.77 -29.17
N PRO A 139 -17.20 16.38 -29.89
CA PRO A 139 -16.84 17.21 -31.06
C PRO A 139 -16.27 18.59 -30.71
N THR A 140 -16.74 19.18 -29.61
CA THR A 140 -16.22 20.45 -29.09
C THR A 140 -15.99 20.45 -27.57
N LEU A 141 -15.11 21.36 -27.13
CA LEU A 141 -14.86 21.63 -25.71
C LEU A 141 -14.73 23.13 -25.43
N THR A 142 -15.19 23.54 -24.26
CA THR A 142 -15.07 24.90 -23.77
C THR A 142 -13.86 24.95 -22.84
N LEU A 143 -12.81 25.66 -23.26
CA LEU A 143 -11.63 25.89 -22.43
C LEU A 143 -11.85 27.02 -21.47
N PRO A 144 -11.64 26.79 -20.17
CA PRO A 144 -11.63 27.95 -19.26
C PRO A 144 -10.45 28.91 -19.46
N ALA A 145 -10.53 30.05 -18.79
CA ALA A 145 -9.43 31.03 -18.76
C ALA A 145 -8.18 30.36 -18.20
N ASN A 146 -7.02 30.65 -18.82
CA ASN A 146 -5.73 30.11 -18.36
C ASN A 146 -5.64 28.58 -18.29
N SER A 147 -5.74 27.98 -19.48
CA SER A 147 -5.63 26.54 -19.60
C SER A 147 -5.22 26.10 -21.02
N THR A 148 -4.70 24.89 -21.09
CA THR A 148 -4.01 24.38 -22.24
C THR A 148 -4.74 23.08 -22.64
N GLN A 149 -4.78 22.81 -23.93
CA GLN A 149 -5.52 21.66 -24.41
C GLN A 149 -4.85 21.14 -25.67
N GLY A 150 -4.44 19.88 -25.62
CA GLY A 150 -3.73 19.22 -26.70
C GLY A 150 -4.72 18.56 -27.63
N GLY A 151 -4.31 18.38 -28.87
CA GLY A 151 -5.16 17.76 -29.91
C GLY A 151 -4.39 16.73 -30.67
N TRP A 152 -4.92 15.52 -30.71
CA TRP A 152 -4.20 14.41 -31.32
C TRP A 152 -4.76 14.17 -32.72
N ILE A 153 -3.90 13.96 -33.70
CA ILE A 153 -4.29 13.79 -35.09
C ILE A 153 -3.66 12.55 -35.65
N SER A 154 -4.45 11.53 -35.93
CA SER A 154 -3.95 10.24 -36.43
C SER A 154 -4.26 10.22 -37.89
N VAL A 155 -3.28 9.92 -38.72
CA VAL A 155 -3.47 9.79 -40.15
C VAL A 155 -3.28 8.33 -40.53
N ASN A 156 -4.36 7.68 -40.95
CA ASN A 156 -4.30 6.30 -41.46
C ASN A 156 -4.01 6.32 -42.95
N ILE A 157 -2.80 5.97 -43.35
CA ILE A 157 -2.45 6.03 -44.75
C ILE A 157 -2.89 4.74 -45.45
N PRO A 158 -3.75 4.83 -46.48
CA PRO A 158 -4.16 3.55 -47.06
C PRO A 158 -3.07 2.83 -47.83
N GLN A 159 -3.26 1.50 -47.99
CA GLN A 159 -2.45 0.66 -48.91
C GLN A 159 -2.81 1.20 -50.28
N GLY A 160 -1.85 1.40 -51.16
CA GLY A 160 -2.19 1.83 -52.52
C GLY A 160 -2.33 3.32 -52.77
N THR A 161 -2.23 4.10 -51.70
CA THR A 161 -1.87 5.52 -51.82
C THR A 161 -0.57 5.60 -52.60
N LYS A 162 -0.49 6.55 -53.53
CA LYS A 162 0.69 6.71 -54.37
C LYS A 162 1.79 7.47 -53.64
N ALA A 163 3.02 7.01 -53.81
CA ALA A 163 4.21 7.64 -53.22
C ALA A 163 4.40 9.12 -53.68
N GLY A 164 4.56 10.02 -52.71
CA GLY A 164 4.76 11.44 -52.97
C GLY A 164 4.57 12.32 -51.73
N LYS A 165 4.69 13.63 -51.92
CA LYS A 165 4.51 14.60 -50.84
C LYS A 165 3.09 15.18 -50.83
N TYR A 166 2.39 15.03 -49.70
CA TYR A 166 0.99 15.43 -49.55
C TYR A 166 0.87 16.62 -48.60
N THR A 167 0.03 17.59 -49.00
CA THR A 167 -0.18 18.84 -48.25
C THR A 167 -1.62 18.87 -47.72
N GLY A 168 -1.79 19.43 -46.53
CA GLY A 168 -3.11 19.52 -45.91
C GLY A 168 -3.16 20.54 -44.80
N THR A 169 -4.37 20.79 -44.31
CA THR A 169 -4.64 21.91 -43.44
C THR A 169 -5.41 21.43 -42.22
N VAL A 170 -4.98 21.85 -41.03
CA VAL A 170 -5.75 21.63 -39.79
C VAL A 170 -6.33 22.95 -39.33
N THR A 171 -7.63 22.99 -39.14
CA THR A 171 -8.34 24.23 -38.93
C THR A 171 -8.89 24.14 -37.52
N VAL A 172 -8.42 25.02 -36.67
CA VAL A 172 -8.90 25.14 -35.31
C VAL A 172 -9.92 26.29 -35.25
N LYS A 173 -11.10 26.02 -34.71
CA LYS A 173 -12.18 27.00 -34.62
C LYS A 173 -12.57 27.11 -33.17
N ALA A 174 -13.13 28.28 -32.81
CA ALA A 174 -13.71 28.50 -31.47
C ALA A 174 -14.77 29.53 -31.59
N ASP A 175 -15.83 29.34 -30.82
CA ASP A 175 -16.97 30.28 -30.77
C ASP A 175 -17.69 30.42 -32.13
N GLY A 176 -17.50 29.44 -33.03
CA GLY A 176 -17.91 29.55 -34.42
C GLY A 176 -17.01 30.30 -35.39
N ILE A 177 -15.77 30.62 -35.00
CA ILE A 177 -14.86 31.17 -35.96
C ILE A 177 -13.42 30.66 -35.85
N THR A 178 -12.70 30.74 -36.97
CA THR A 178 -11.36 30.14 -37.12
C THR A 178 -10.29 30.90 -36.33
N LEU A 179 -9.50 30.20 -35.50
CA LEU A 179 -8.35 30.79 -34.78
C LEU A 179 -7.04 30.59 -35.53
N SER A 180 -6.87 29.45 -36.20
CA SER A 180 -5.65 29.18 -36.98
C SER A 180 -5.79 28.02 -37.96
N GLU A 181 -4.98 28.08 -39.01
CA GLU A 181 -4.80 27.03 -39.97
C GLU A 181 -3.37 26.56 -39.87
N LEU A 182 -3.17 25.44 -39.17
CA LEU A 182 -1.87 24.77 -39.15
C LEU A 182 -1.72 23.95 -40.43
N LYS A 183 -0.51 23.92 -41.00
CA LYS A 183 -0.21 23.14 -42.20
C LYS A 183 0.37 21.79 -41.81
N LEU A 184 0.16 20.79 -42.67
CA LEU A 184 0.61 19.44 -42.41
C LEU A 184 1.19 18.83 -43.66
N ASN A 185 2.50 18.60 -43.69
CA ASN A 185 3.16 17.93 -44.82
C ASN A 185 3.42 16.51 -44.42
N LEU A 186 3.21 15.61 -45.37
CA LEU A 186 3.40 14.19 -45.20
C LEU A 186 4.15 13.61 -46.39
N GLN A 187 5.37 13.13 -46.16
CA GLN A 187 6.14 12.44 -47.17
C GLN A 187 5.77 10.93 -47.11
N VAL A 188 5.05 10.44 -48.12
CA VAL A 188 4.72 9.02 -48.24
C VAL A 188 5.79 8.32 -49.10
N LYS A 189 6.49 7.35 -48.52
CA LYS A 189 7.56 6.66 -49.22
C LYS A 189 7.02 5.53 -50.08
N ASN A 190 7.92 4.99 -50.91
CA ASN A 190 7.60 3.89 -51.81
C ASN A 190 7.88 2.54 -51.15
N ARG A 191 7.27 2.33 -49.98
CA ARG A 191 7.35 1.07 -49.25
C ARG A 191 6.06 0.90 -48.48
N THR A 192 5.57 -0.33 -48.44
CA THR A 192 4.24 -0.56 -47.93
C THR A 192 4.25 -1.43 -46.66
N LEU A 193 3.41 -1.06 -45.71
CA LEU A 193 3.30 -1.71 -44.42
C LEU A 193 1.99 -2.46 -44.44
N PRO A 194 2.00 -3.79 -44.25
CA PRO A 194 0.75 -4.54 -44.26
C PRO A 194 -0.29 -4.08 -43.25
N PRO A 195 -1.56 -4.49 -43.44
CA PRO A 195 -2.56 -4.22 -42.42
C PRO A 195 -2.23 -4.93 -41.10
N PRO A 196 -2.83 -4.47 -39.97
CA PRO A 196 -2.66 -5.09 -38.64
C PRO A 196 -2.86 -6.61 -38.62
N SER A 197 -3.87 -7.12 -39.31
CA SER A 197 -4.08 -8.57 -39.44
C SER A 197 -2.86 -9.38 -39.91
N GLU A 198 -1.93 -8.74 -40.59
CA GLU A 198 -0.77 -9.44 -41.16
C GLU A 198 0.55 -9.15 -40.43
N TRP A 199 0.52 -8.40 -39.31
CA TRP A 199 1.73 -8.10 -38.55
C TRP A 199 2.20 -9.36 -37.80
N ALA A 200 3.50 -9.64 -37.80
CA ALA A 200 4.05 -10.76 -37.02
C ALA A 200 4.02 -10.54 -35.51
N PHE A 201 4.19 -9.27 -35.09
CA PHE A 201 4.24 -8.89 -33.68
C PHE A 201 3.16 -9.53 -32.81
N HIS A 202 3.58 -10.33 -31.84
CA HIS A 202 2.69 -10.96 -30.87
C HIS A 202 2.37 -10.00 -29.71
N LEU A 203 1.25 -9.30 -29.79
CA LEU A 203 0.79 -8.41 -28.75
C LEU A 203 -0.31 -9.10 -27.96
N ASP A 204 -0.10 -9.23 -26.66
CA ASP A 204 -1.05 -9.81 -25.72
C ASP A 204 -1.30 -8.71 -24.68
N LEU A 205 -2.51 -8.16 -24.70
CA LEU A 205 -3.03 -7.24 -23.70
C LEU A 205 -4.31 -7.89 -23.16
N TRP A 206 -4.28 -8.38 -21.92
CA TRP A 206 -5.38 -9.19 -21.42
C TRP A 206 -6.66 -8.38 -21.30
N GLN A 207 -7.76 -8.92 -21.76
CA GLN A 207 -9.03 -8.20 -21.83
C GLN A 207 -9.98 -8.57 -20.71
N ASN A 208 -10.74 -7.60 -20.23
CA ASN A 208 -11.68 -7.80 -19.12
C ASN A 208 -13.06 -7.36 -19.57
N PRO A 209 -13.84 -8.30 -20.07
CA PRO A 209 -15.22 -7.93 -20.49
C PRO A 209 -16.09 -7.54 -19.33
N TYR A 210 -15.81 -8.07 -18.15
CA TYR A 210 -16.59 -7.82 -16.95
C TYR A 210 -16.52 -6.35 -16.51
N ALA A 211 -15.43 -5.67 -16.82
CA ALA A 211 -15.33 -4.26 -16.55
C ALA A 211 -16.30 -3.43 -17.36
N VAL A 212 -16.60 -3.86 -18.58
CA VAL A 212 -17.45 -3.10 -19.45
C VAL A 212 -18.92 -3.26 -19.09
N SER A 213 -19.34 -4.48 -18.76
CA SER A 213 -20.70 -4.72 -18.29
C SER A 213 -20.97 -3.95 -17.00
N ARG A 214 -20.02 -3.94 -16.07
CA ARG A 214 -20.13 -3.14 -14.85
C ARG A 214 -20.25 -1.66 -15.10
N TYR A 215 -19.29 -1.07 -15.79
CA TYR A 215 -19.26 0.40 -15.96
C TYR A 215 -20.54 0.95 -16.65
N TYR A 216 -21.05 0.25 -17.66
CA TYR A 216 -22.29 0.63 -18.38
C TYR A 216 -23.57 0.01 -17.80
N ASN A 217 -23.40 -0.84 -16.80
CA ASN A 217 -24.52 -1.37 -16.03
C ASN A 217 -25.46 -2.09 -16.99
N VAL A 218 -24.89 -3.03 -17.73
CA VAL A 218 -25.64 -3.85 -18.62
C VAL A 218 -25.29 -5.29 -18.35
N GLU A 219 -26.11 -6.16 -18.88
CA GLU A 219 -26.03 -7.55 -18.56
C GLU A 219 -24.86 -8.10 -19.33
N PRO A 220 -24.00 -8.84 -18.61
CA PRO A 220 -22.89 -9.43 -19.28
C PRO A 220 -23.31 -10.37 -20.37
N PHE A 221 -22.55 -10.31 -21.46
CA PHE A 221 -22.74 -10.98 -22.73
C PHE A 221 -24.09 -10.84 -23.43
N SER A 222 -24.80 -9.76 -23.14
CA SER A 222 -25.97 -9.37 -23.88
C SER A 222 -25.56 -8.61 -25.12
N LYS A 223 -26.53 -8.40 -26.03
CA LYS A 223 -26.34 -7.61 -27.25
C LYS A 223 -25.72 -6.25 -26.93
N LYS A 224 -26.26 -5.54 -25.93
CA LYS A 224 -25.72 -4.25 -25.56
C LYS A 224 -24.26 -4.35 -25.14
N HIS A 225 -23.93 -5.38 -24.37
CA HIS A 225 -22.56 -5.56 -23.93
C HIS A 225 -21.61 -5.73 -25.10
N PHE A 226 -21.93 -6.64 -26.02
CA PHE A 226 -21.08 -6.84 -27.17
C PHE A 226 -21.00 -5.59 -28.06
N ASP A 227 -22.10 -4.87 -28.20
CA ASP A 227 -22.07 -3.61 -28.98
C ASP A 227 -21.08 -2.59 -28.42
N LEU A 228 -21.07 -2.41 -27.10
CA LEU A 228 -20.13 -1.52 -26.42
C LEU A 228 -18.66 -2.00 -26.52
N MET A 229 -18.48 -3.31 -26.47
CA MET A 229 -17.14 -3.86 -26.63
C MET A 229 -16.58 -3.84 -28.04
N ARG A 230 -17.42 -3.93 -29.06
CA ARG A 230 -16.88 -4.06 -30.43
C ARG A 230 -15.83 -2.96 -30.77
N PRO A 231 -16.20 -1.67 -30.69
CA PRO A 231 -15.13 -0.68 -31.05
C PRO A 231 -13.96 -0.66 -30.09
N LEU A 232 -14.24 -1.01 -28.83
CA LEU A 232 -13.28 -1.03 -27.73
C LEU A 232 -12.18 -2.05 -28.03
N MET A 233 -12.58 -3.26 -28.35
CA MET A 233 -11.65 -4.32 -28.68
C MET A 233 -11.05 -4.15 -30.05
N LYS A 234 -11.71 -3.42 -30.93
CA LYS A 234 -11.13 -3.08 -32.25
C LYS A 234 -9.78 -2.37 -32.07
N LEU A 235 -9.72 -1.49 -31.07
CA LEU A 235 -8.49 -0.78 -30.77
C LEU A 235 -7.32 -1.77 -30.52
N TYR A 236 -7.64 -2.85 -29.81
CA TYR A 236 -6.70 -3.91 -29.60
C TYR A 236 -6.39 -4.68 -30.89
N ALA A 237 -7.41 -5.04 -31.65
CA ALA A 237 -7.11 -5.75 -32.92
C ALA A 237 -6.21 -4.93 -33.83
N ASP A 238 -6.48 -3.62 -33.91
CA ASP A 238 -5.79 -2.69 -34.82
C ASP A 238 -4.39 -2.31 -34.37
N ALA A 239 -4.09 -2.58 -33.12
CA ALA A 239 -2.72 -2.50 -32.62
C ALA A 239 -1.96 -3.80 -32.83
N GLY A 240 -2.57 -4.82 -33.43
CA GLY A 240 -1.89 -6.09 -33.73
C GLY A 240 -2.17 -7.20 -32.71
N GLY A 241 -3.21 -7.05 -31.91
CA GLY A 241 -3.49 -7.99 -30.82
C GLY A 241 -3.71 -9.39 -31.35
N LYS A 242 -3.09 -10.37 -30.70
CA LYS A 242 -3.16 -11.75 -31.16
C LYS A 242 -3.87 -12.72 -30.22
N VAL A 243 -4.14 -12.32 -28.98
CA VAL A 243 -4.52 -13.22 -27.95
C VAL A 243 -5.83 -12.84 -27.32
N ILE A 244 -6.70 -13.82 -27.23
CA ILE A 244 -7.98 -13.71 -26.57
C ILE A 244 -7.82 -14.23 -25.13
N THR A 245 -8.20 -13.40 -24.17
CA THR A 245 -8.20 -13.81 -22.78
C THR A 245 -9.53 -14.53 -22.48
N ALA A 246 -9.47 -15.68 -21.83
CA ALA A 246 -10.68 -16.33 -21.30
C ALA A 246 -10.48 -16.76 -19.85
N SER A 247 -11.53 -16.60 -19.05
CA SER A 247 -11.51 -17.05 -17.72
C SER A 247 -12.36 -18.28 -17.73
N ILE A 248 -11.75 -19.45 -17.57
CA ILE A 248 -12.48 -20.70 -17.55
C ILE A 248 -12.87 -21.13 -16.14
N MET A 249 -12.63 -20.26 -15.16
CA MET A 249 -13.10 -20.50 -13.80
C MET A 249 -13.29 -19.20 -13.02
N HIS A 250 -13.88 -19.31 -11.84
CA HIS A 250 -14.30 -18.17 -11.05
C HIS A 250 -13.03 -17.55 -10.48
N LYS A 251 -12.74 -16.31 -10.89
CA LYS A 251 -11.74 -15.46 -10.23
C LYS A 251 -10.31 -16.00 -10.33
N PRO A 252 -9.79 -16.18 -11.55
CA PRO A 252 -8.41 -16.67 -11.75
C PRO A 252 -7.31 -15.84 -11.09
N TRP A 253 -7.57 -14.54 -10.89
CA TRP A 253 -6.63 -13.68 -10.18
C TRP A 253 -7.16 -13.22 -8.83
N ASN A 254 -8.15 -13.92 -8.28
CA ASN A 254 -8.75 -13.59 -6.97
C ASN A 254 -9.17 -12.13 -6.80
N GLY A 255 -9.72 -11.57 -7.88
CA GLY A 255 -10.25 -10.21 -7.90
C GLY A 255 -9.22 -9.17 -7.60
N GLN A 256 -8.01 -9.30 -8.13
CA GLN A 256 -7.00 -8.27 -7.90
C GLN A 256 -7.41 -6.96 -8.58
N THR A 257 -8.25 -7.03 -9.61
CA THR A 257 -8.74 -5.84 -10.34
C THR A 257 -10.11 -5.35 -9.79
N TYR A 258 -10.52 -4.13 -10.17
CA TYR A 258 -11.77 -3.56 -9.66
C TYR A 258 -12.93 -4.46 -10.00
N ASP A 259 -12.91 -5.05 -11.20
CA ASP A 259 -13.89 -6.06 -11.58
C ASP A 259 -13.25 -7.41 -11.68
N ALA A 260 -13.80 -8.36 -10.94
CA ALA A 260 -13.30 -9.71 -10.93
C ALA A 260 -13.68 -10.42 -12.22
N PHE A 261 -12.89 -11.37 -12.66
CA PHE A 261 -13.27 -12.20 -13.80
C PHE A 261 -14.15 -13.31 -13.26
N GLU A 262 -15.33 -13.43 -13.84
CA GLU A 262 -16.18 -14.56 -13.56
C GLU A 262 -15.85 -15.64 -14.51
N SER A 263 -16.39 -16.81 -14.21
CA SER A 263 -16.19 -17.98 -15.05
C SER A 263 -17.05 -17.87 -16.31
N MET A 264 -16.39 -18.05 -17.43
CA MET A 264 -17.04 -18.18 -18.75
C MET A 264 -17.52 -19.59 -19.03
N VAL A 265 -17.33 -20.49 -18.06
CA VAL A 265 -17.74 -21.88 -18.17
C VAL A 265 -18.60 -22.24 -16.96
N THR A 266 -19.66 -22.98 -17.20
CA THR A 266 -20.53 -23.39 -16.12
C THR A 266 -20.01 -24.72 -15.59
N TRP A 267 -19.66 -24.76 -14.31
CA TRP A 267 -19.18 -25.97 -13.67
C TRP A 267 -20.34 -26.51 -12.84
N LEU A 268 -21.10 -27.47 -13.36
CA LEU A 268 -22.22 -28.03 -12.60
C LEU A 268 -21.92 -29.45 -12.12
N LYS A 269 -21.88 -29.64 -10.80
CA LYS A 269 -21.75 -30.97 -10.23
C LYS A 269 -23.15 -31.49 -9.93
N LYS A 270 -23.62 -32.44 -10.71
CA LYS A 270 -24.95 -33.01 -10.50
C LYS A 270 -24.95 -33.87 -9.25
N ALA A 271 -26.12 -34.11 -8.70
CA ALA A 271 -26.24 -34.84 -7.43
C ALA A 271 -25.98 -36.31 -7.54
N ASP A 272 -25.84 -36.81 -8.78
CA ASP A 272 -25.60 -38.23 -9.05
C ASP A 272 -24.12 -38.54 -9.41
N GLY A 273 -23.20 -37.62 -9.10
CA GLY A 273 -21.79 -37.81 -9.45
C GLY A 273 -21.33 -37.33 -10.81
N THR A 274 -22.22 -37.25 -11.80
CA THR A 274 -21.84 -36.69 -13.11
C THR A 274 -21.57 -35.19 -13.07
N TRP A 275 -20.84 -34.68 -14.05
CA TRP A 275 -20.67 -33.24 -14.22
C TRP A 275 -21.33 -32.80 -15.52
N TYR A 276 -21.83 -31.55 -15.50
CA TYR A 276 -22.30 -30.86 -16.70
C TYR A 276 -21.51 -29.58 -16.85
N PHE A 277 -20.87 -29.39 -17.99
CA PHE A 277 -20.14 -28.20 -18.32
C PHE A 277 -20.78 -27.60 -19.52
N ASP A 278 -20.87 -26.28 -19.53
CA ASP A 278 -21.36 -25.52 -20.67
C ASP A 278 -20.46 -24.33 -20.97
N TYR A 279 -20.16 -24.16 -22.25
CA TYR A 279 -19.19 -23.22 -22.73
C TYR A 279 -19.83 -22.07 -23.51
N THR A 280 -21.14 -21.92 -23.40
CA THR A 280 -21.86 -20.92 -24.16
C THR A 280 -21.28 -19.49 -24.01
N VAL A 281 -20.94 -19.08 -22.80
CA VAL A 281 -20.28 -17.79 -22.66
C VAL A 281 -18.92 -17.77 -23.33
N PHE A 282 -18.09 -18.74 -22.97
CA PHE A 282 -16.78 -18.91 -23.60
C PHE A 282 -16.89 -18.83 -25.13
N ASP A 283 -17.85 -19.54 -25.73
CA ASP A 283 -17.99 -19.56 -27.19
C ASP A 283 -18.38 -18.22 -27.78
N LYS A 284 -19.37 -17.57 -27.18
CA LYS A 284 -19.80 -16.27 -27.68
C LYS A 284 -18.65 -15.23 -27.60
N TRP A 285 -17.87 -15.29 -26.52
CA TRP A 285 -16.74 -14.37 -26.32
C TRP A 285 -15.65 -14.59 -27.34
N VAL A 286 -15.31 -15.86 -27.54
CA VAL A 286 -14.28 -16.21 -28.51
C VAL A 286 -14.68 -15.88 -29.93
N GLU A 287 -15.91 -16.22 -30.30
CA GLU A 287 -16.42 -15.95 -31.64
C GLU A 287 -16.41 -14.48 -31.90
N PHE A 288 -16.89 -13.72 -30.93
CA PHE A 288 -16.87 -12.26 -31.01
C PHE A 288 -15.50 -11.62 -31.25
N MET A 289 -14.51 -12.00 -30.45
CA MET A 289 -13.13 -11.55 -30.69
C MET A 289 -12.50 -11.99 -32.00
N MET A 290 -12.79 -13.23 -32.42
CA MET A 290 -12.31 -13.76 -33.70
C MET A 290 -12.89 -12.97 -34.87
N ASP A 291 -14.15 -12.60 -34.73
CA ASP A 291 -14.79 -11.72 -35.69
C ASP A 291 -14.07 -10.39 -35.88
N LEU A 292 -13.53 -9.82 -34.79
CA LEU A 292 -12.76 -8.57 -34.85
C LEU A 292 -11.34 -8.72 -35.38
N GLY A 293 -10.86 -9.94 -35.58
CA GLY A 293 -9.53 -10.18 -36.11
C GLY A 293 -8.54 -10.72 -35.10
N VAL A 294 -8.97 -10.88 -33.86
CA VAL A 294 -8.08 -11.45 -32.84
C VAL A 294 -8.26 -12.99 -32.83
N LYS A 295 -7.30 -13.73 -33.40
CA LYS A 295 -7.49 -15.15 -33.71
C LYS A 295 -6.29 -16.10 -33.55
N LYS A 296 -5.14 -15.61 -33.14
CA LYS A 296 -3.95 -16.46 -33.13
C LYS A 296 -3.89 -17.39 -31.91
N GLN A 297 -4.49 -17.00 -30.80
CA GLN A 297 -4.35 -17.76 -29.58
C GLN A 297 -5.49 -17.47 -28.63
N ILE A 298 -5.93 -18.47 -27.87
CA ILE A 298 -6.83 -18.28 -26.73
C ILE A 298 -6.06 -18.72 -25.50
N SER A 299 -6.07 -17.89 -24.48
CA SER A 299 -5.37 -18.14 -23.23
C SER A 299 -6.42 -18.28 -22.15
N CYS A 300 -6.49 -19.46 -21.53
CA CYS A 300 -7.50 -19.76 -20.52
C CYS A 300 -6.93 -19.76 -19.10
N TYR A 301 -7.41 -18.82 -18.29
CA TYR A 301 -6.92 -18.65 -16.94
C TYR A 301 -8.00 -19.20 -16.01
N SER A 302 -7.64 -19.98 -14.99
CA SER A 302 -6.33 -20.59 -14.84
C SER A 302 -6.49 -21.84 -14.03
N MET A 303 -5.62 -22.80 -14.25
CA MET A 303 -5.53 -23.95 -13.34
C MET A 303 -4.78 -23.69 -12.05
N VAL A 304 -4.04 -22.58 -11.97
CA VAL A 304 -3.32 -22.20 -10.73
C VAL A 304 -3.73 -20.77 -10.45
N PRO A 305 -4.99 -20.60 -10.08
CA PRO A 305 -5.44 -19.31 -9.74
C PRO A 305 -4.74 -18.85 -8.53
N TRP A 306 -4.78 -17.55 -8.31
CA TRP A 306 -4.01 -16.95 -7.25
C TRP A 306 -4.41 -17.37 -5.84
N ARG A 307 -5.67 -17.77 -5.66
CA ARG A 307 -6.14 -18.42 -4.43
C ARG A 307 -6.64 -19.79 -4.86
N LEU A 308 -6.16 -20.85 -4.18
CA LEU A 308 -6.37 -22.22 -4.65
C LEU A 308 -7.68 -22.83 -4.15
N SER A 309 -8.75 -22.23 -4.62
CA SER A 309 -10.10 -22.49 -4.16
C SER A 309 -11.00 -22.44 -5.39
N PHE A 310 -11.52 -23.58 -5.84
CA PHE A 310 -12.21 -23.65 -7.12
C PHE A 310 -13.71 -23.74 -6.95
N GLN A 311 -14.41 -22.80 -7.57
CA GLN A 311 -15.85 -22.71 -7.46
C GLN A 311 -16.51 -23.72 -8.32
N TYR A 312 -17.59 -24.32 -7.83
CA TYR A 312 -18.48 -25.08 -8.68
C TYR A 312 -19.95 -24.98 -8.18
N PHE A 313 -20.89 -25.15 -9.11
CA PHE A 313 -22.29 -25.16 -8.76
C PHE A 313 -22.64 -26.54 -8.24
N ASP A 314 -22.95 -26.64 -6.95
CA ASP A 314 -23.30 -27.90 -6.34
C ASP A 314 -24.81 -28.06 -6.43
N GLN A 315 -25.26 -28.96 -7.29
CA GLN A 315 -26.70 -29.16 -7.49
C GLN A 315 -27.38 -29.71 -6.26
N ALA A 316 -26.71 -30.59 -5.54
CA ALA A 316 -27.33 -31.24 -4.38
C ALA A 316 -27.83 -30.25 -3.31
N SER A 317 -27.07 -29.16 -3.12
CA SER A 317 -27.38 -28.11 -2.16
C SER A 317 -27.93 -26.88 -2.86
N ASN A 318 -28.07 -26.97 -4.17
CA ASN A 318 -28.42 -25.86 -5.00
C ASN A 318 -27.66 -24.59 -4.57
N SER A 319 -26.32 -24.68 -4.54
CA SER A 319 -25.48 -23.56 -4.12
C SER A 319 -24.08 -23.67 -4.71
N PHE A 320 -23.34 -22.59 -4.59
CA PHE A 320 -21.95 -22.55 -5.00
C PHE A 320 -21.15 -23.11 -3.88
N LYS A 321 -20.27 -24.05 -4.22
CA LYS A 321 -19.30 -24.58 -3.28
C LYS A 321 -17.87 -24.40 -3.82
N PHE A 322 -16.91 -24.57 -2.91
CA PHE A 322 -15.49 -24.41 -3.22
C PHE A 322 -14.74 -25.68 -2.88
N LEU A 323 -13.92 -26.10 -3.82
CA LEU A 323 -12.91 -27.12 -3.58
C LEU A 323 -11.58 -26.45 -3.26
N ASP A 324 -11.05 -26.65 -2.05
CA ASP A 324 -9.67 -26.23 -1.71
C ASP A 324 -8.72 -27.38 -2.00
N ALA A 325 -7.82 -27.16 -2.95
CA ALA A 325 -6.95 -28.19 -3.49
C ALA A 325 -5.76 -27.55 -4.19
N LYS A 326 -4.60 -28.19 -4.13
CA LYS A 326 -3.36 -27.63 -4.70
C LYS A 326 -2.73 -28.54 -5.72
N PRO A 327 -1.98 -27.96 -6.64
CA PRO A 327 -1.20 -28.81 -7.54
C PRO A 327 -0.29 -29.73 -6.73
N GLY A 328 -0.27 -31.01 -7.09
CA GLY A 328 0.46 -32.01 -6.29
C GLY A 328 -0.48 -32.85 -5.45
N GLU A 329 -1.75 -32.45 -5.35
CA GLU A 329 -2.76 -33.27 -4.68
C GLU A 329 -3.59 -34.08 -5.67
N VAL A 330 -4.00 -35.28 -5.23
CA VAL A 330 -4.78 -36.20 -6.04
C VAL A 330 -6.13 -35.58 -6.31
N ALA A 331 -6.68 -34.86 -5.33
CA ALA A 331 -8.01 -34.26 -5.46
C ALA A 331 -8.03 -33.15 -6.54
N TYR A 332 -6.97 -32.35 -6.55
CA TYR A 332 -6.74 -31.36 -7.55
C TYR A 332 -6.72 -31.98 -8.93
N GLU A 333 -5.96 -33.06 -9.09
CA GLU A 333 -5.86 -33.76 -10.37
C GLU A 333 -7.21 -34.33 -10.81
N GLU A 334 -7.91 -35.03 -9.93
CA GLU A 334 -9.22 -35.59 -10.26
C GLU A 334 -10.24 -34.51 -10.72
N PHE A 335 -10.31 -33.41 -9.99
CA PHE A 335 -11.22 -32.28 -10.28
C PHE A 335 -11.03 -31.64 -11.63
N TRP A 336 -9.77 -31.45 -12.01
CA TRP A 336 -9.40 -30.87 -13.30
C TRP A 336 -9.42 -31.82 -14.51
N MET A 337 -9.08 -33.07 -14.28
CA MET A 337 -9.07 -34.05 -15.38
C MET A 337 -10.42 -34.14 -16.02
N ASN A 338 -11.40 -34.14 -15.15
CA ASN A 338 -12.77 -34.24 -15.50
C ASN A 338 -13.21 -33.08 -16.39
N MET A 339 -12.94 -31.87 -15.96
CA MET A 339 -13.22 -30.71 -16.77
C MET A 339 -12.41 -30.71 -18.07
N LEU A 340 -11.09 -30.95 -17.98
CA LEU A 340 -10.20 -30.75 -19.13
C LEU A 340 -10.50 -31.74 -20.22
N GLN A 341 -10.87 -32.94 -19.84
CA GLN A 341 -11.25 -33.90 -20.84
C GLN A 341 -12.53 -33.48 -21.58
N ASP A 342 -13.45 -32.80 -20.90
CA ASP A 342 -14.67 -32.31 -21.52
C ASP A 342 -14.37 -31.08 -22.41
N PHE A 343 -13.53 -30.21 -21.88
CA PHE A 343 -13.10 -29.01 -22.57
C PHE A 343 -12.34 -29.31 -23.86
N SER A 344 -11.53 -30.35 -23.81
CA SER A 344 -10.77 -30.78 -24.94
C SER A 344 -11.67 -31.23 -26.10
N LYS A 345 -12.65 -32.08 -25.79
CA LYS A 345 -13.63 -32.53 -26.77
C LYS A 345 -14.35 -31.32 -27.36
N HIS A 346 -14.83 -30.43 -26.49
CA HIS A 346 -15.51 -29.22 -26.94
C HIS A 346 -14.68 -28.36 -27.87
N LEU A 347 -13.44 -28.13 -27.50
CA LEU A 347 -12.53 -27.34 -28.31
C LEU A 347 -12.23 -27.93 -29.64
N LYS A 348 -12.07 -29.25 -29.70
CA LYS A 348 -11.86 -29.96 -30.99
C LYS A 348 -13.07 -29.86 -31.90
N ALA A 349 -14.25 -29.94 -31.28
CA ALA A 349 -15.52 -29.83 -32.01
C ALA A 349 -15.68 -28.45 -32.60
N LYS A 350 -15.23 -27.42 -31.89
CA LYS A 350 -15.26 -26.05 -32.41
C LYS A 350 -14.15 -25.71 -33.42
N GLY A 351 -13.11 -26.55 -33.50
CA GLY A 351 -11.90 -26.23 -34.27
C GLY A 351 -10.89 -25.27 -33.65
N TRP A 352 -10.93 -25.10 -32.34
CA TRP A 352 -10.05 -24.16 -31.65
C TRP A 352 -8.95 -24.77 -30.81
N PHE A 353 -8.84 -26.09 -30.81
CA PHE A 353 -7.95 -26.79 -29.90
C PHE A 353 -6.49 -26.47 -30.11
N ASP A 354 -6.05 -26.43 -31.36
CA ASP A 354 -4.67 -26.04 -31.71
C ASP A 354 -4.18 -24.73 -31.13
N ILE A 355 -5.08 -23.78 -30.92
CA ILE A 355 -4.70 -22.46 -30.47
C ILE A 355 -4.98 -22.20 -29.00
N THR A 356 -5.58 -23.16 -28.30
CA THR A 356 -6.06 -22.89 -26.97
C THR A 356 -4.98 -23.24 -25.96
N HIS A 357 -4.59 -22.29 -25.12
CA HIS A 357 -3.52 -22.53 -24.15
C HIS A 357 -4.10 -22.50 -22.76
N ILE A 358 -3.71 -23.47 -21.91
CA ILE A 358 -3.96 -23.36 -20.49
C ILE A 358 -2.87 -22.44 -19.94
N ALA A 359 -3.28 -21.36 -19.27
CA ALA A 359 -2.44 -20.19 -19.02
C ALA A 359 -2.27 -19.88 -17.53
N MET A 360 -1.05 -19.49 -17.15
CA MET A 360 -0.69 -19.24 -15.75
C MET A 360 0.06 -17.95 -15.63
N ASP A 361 -0.07 -17.35 -14.46
CA ASP A 361 0.43 -16.01 -14.27
C ASP A 361 1.27 -16.05 -13.01
N GLU A 362 2.59 -16.07 -13.20
CA GLU A 362 3.57 -15.87 -12.14
C GLU A 362 3.53 -16.92 -11.01
N ARG A 363 3.39 -18.20 -11.37
CA ARG A 363 3.27 -19.26 -10.37
C ARG A 363 4.61 -19.88 -10.18
N PRO A 364 4.86 -20.53 -9.05
CA PRO A 364 6.20 -21.13 -8.84
C PRO A 364 6.48 -22.29 -9.78
N MET A 365 7.76 -22.56 -9.92
CA MET A 365 8.27 -23.83 -10.46
C MET A 365 7.55 -25.11 -10.06
N LYS A 366 7.55 -25.47 -8.77
CA LYS A 366 6.99 -26.77 -8.39
C LYS A 366 5.55 -26.93 -8.83
N ASP A 367 4.74 -25.89 -8.61
CA ASP A 367 3.30 -25.92 -8.92
C ASP A 367 3.09 -26.08 -10.44
N MET A 368 3.90 -25.38 -11.23
CA MET A 368 3.82 -25.50 -12.69
C MET A 368 4.08 -26.96 -13.13
N GLN A 369 5.10 -27.60 -12.55
CA GLN A 369 5.41 -29.00 -12.87
C GLN A 369 4.30 -29.96 -12.50
N GLU A 370 3.70 -29.79 -11.33
CA GLU A 370 2.61 -30.65 -10.93
C GLU A 370 1.38 -30.39 -11.80
N THR A 371 1.18 -29.15 -12.17
CA THR A 371 0.07 -28.79 -13.05
C THR A 371 0.22 -29.34 -14.47
N LEU A 372 1.41 -29.19 -15.04
CA LEU A 372 1.71 -29.79 -16.34
C LEU A 372 1.40 -31.30 -16.45
N LYS A 373 1.73 -32.06 -15.41
CA LYS A 373 1.40 -33.49 -15.34
C LYS A 373 -0.10 -33.71 -15.45
N VAL A 374 -0.86 -32.89 -14.77
CA VAL A 374 -2.33 -33.01 -14.84
C VAL A 374 -2.82 -32.72 -16.25
N ILE A 375 -2.37 -31.59 -16.80
CA ILE A 375 -2.67 -31.22 -18.17
C ILE A 375 -2.33 -32.35 -19.16
N ARG A 376 -1.12 -32.88 -19.10
CA ARG A 376 -0.67 -33.86 -20.08
C ARG A 376 -1.49 -35.11 -19.97
N LYS A 377 -1.86 -35.48 -18.76
CA LYS A 377 -2.69 -36.67 -18.55
C LYS A 377 -4.11 -36.48 -19.15
N ALA A 378 -4.65 -35.28 -19.03
CA ALA A 378 -5.92 -34.95 -19.67
C ALA A 378 -5.85 -35.05 -21.19
N ASP A 379 -4.83 -34.42 -21.76
CA ASP A 379 -4.57 -34.45 -23.17
C ASP A 379 -3.11 -34.11 -23.43
N LYS A 380 -2.39 -35.01 -24.08
CA LYS A 380 -0.99 -34.78 -24.43
C LYS A 380 -0.70 -33.58 -25.33
N ASP A 381 -1.69 -33.12 -26.10
CA ASP A 381 -1.48 -32.03 -27.06
C ASP A 381 -2.00 -30.65 -26.61
N PHE A 382 -2.47 -30.54 -25.37
CA PHE A 382 -2.91 -29.28 -24.81
C PHE A 382 -1.72 -28.36 -24.79
N LYS A 383 -1.90 -27.15 -25.32
CA LYS A 383 -0.83 -26.15 -25.29
C LYS A 383 -0.91 -25.39 -23.95
N VAL A 384 0.24 -24.89 -23.48
CA VAL A 384 0.35 -24.25 -22.15
C VAL A 384 1.10 -22.95 -22.24
N SER A 385 0.70 -21.93 -21.47
CA SER A 385 1.46 -20.67 -21.42
C SER A 385 1.75 -20.17 -20.02
N LEU A 386 2.85 -19.44 -19.89
CA LEU A 386 3.27 -18.86 -18.63
C LEU A 386 3.84 -17.46 -18.89
N ALA A 387 3.35 -16.52 -18.10
CA ALA A 387 3.94 -15.22 -17.99
C ALA A 387 4.49 -15.19 -16.59
N GLY A 388 5.81 -15.22 -16.49
CA GLY A 388 6.46 -15.31 -15.19
C GLY A 388 7.97 -15.37 -15.23
N THR A 389 8.54 -16.20 -14.38
CA THR A 389 9.98 -16.24 -14.17
C THR A 389 10.61 -17.25 -15.13
N TYR A 390 11.85 -16.96 -15.56
CA TYR A 390 12.62 -17.85 -16.45
C TYR A 390 13.08 -19.09 -15.70
N HIS A 391 12.76 -20.26 -16.25
CA HIS A 391 13.18 -21.55 -15.71
C HIS A 391 13.55 -22.46 -16.88
N LYS A 392 14.80 -22.88 -16.93
CA LYS A 392 15.30 -23.78 -17.99
C LYS A 392 14.40 -25.04 -18.07
N GLU A 393 13.97 -25.55 -16.92
CA GLU A 393 13.16 -26.76 -16.84
C GLU A 393 11.85 -26.70 -17.66
N LEU A 394 11.27 -25.51 -17.84
CA LEU A 394 9.97 -25.36 -18.51
C LEU A 394 10.03 -25.00 -19.99
N LEU A 395 11.21 -24.73 -20.52
CA LEU A 395 11.33 -24.25 -21.91
C LEU A 395 10.70 -25.14 -22.98
N ASP A 396 10.64 -26.45 -22.75
CA ASP A 396 10.08 -27.37 -23.74
C ASP A 396 8.58 -27.55 -23.51
N ASP A 397 8.12 -27.46 -22.27
CA ASP A 397 6.72 -27.71 -21.96
C ASP A 397 5.80 -26.52 -22.29
N LEU A 398 6.35 -25.32 -22.51
CA LEU A 398 5.52 -24.12 -22.66
C LEU A 398 5.54 -23.60 -24.07
N ASN A 399 4.38 -23.44 -24.67
CA ASN A 399 4.27 -23.00 -26.08
C ASN A 399 4.24 -21.50 -26.22
N ASP A 400 3.78 -20.80 -25.19
CA ASP A 400 3.94 -19.35 -25.08
C ASP A 400 4.60 -19.09 -23.72
N TYR A 401 5.77 -18.46 -23.75
CA TYR A 401 6.53 -18.21 -22.54
C TYR A 401 6.88 -16.77 -22.57
N CYS A 402 6.47 -16.05 -21.54
CA CYS A 402 6.71 -14.64 -21.44
C CYS A 402 7.42 -14.33 -20.14
N ILE A 403 8.51 -13.60 -20.27
CA ILE A 403 9.50 -13.47 -19.22
C ILE A 403 9.62 -11.96 -18.79
N THR A 404 9.93 -11.68 -17.53
CA THR A 404 10.11 -10.31 -17.11
C THR A 404 11.24 -9.67 -17.95
N ILE A 405 11.20 -8.36 -18.09
CA ILE A 405 12.18 -7.67 -18.92
C ILE A 405 13.60 -7.81 -18.41
N ALA A 406 13.76 -7.91 -17.10
CA ALA A 406 15.09 -7.99 -16.46
C ALA A 406 15.83 -9.31 -16.76
N GLU A 407 15.06 -10.35 -17.04
CA GLU A 407 15.57 -11.66 -17.37
C GLU A 407 15.61 -11.82 -18.89
N LYS A 408 16.50 -12.69 -19.37
CA LYS A 408 16.73 -12.90 -20.80
C LYS A 408 16.90 -14.38 -21.18
N PHE A 409 16.23 -14.75 -22.26
CA PHE A 409 16.48 -16.00 -22.93
C PHE A 409 17.81 -15.89 -23.67
N THR A 410 18.54 -17.00 -23.79
CA THR A 410 19.73 -17.04 -24.68
C THR A 410 19.27 -16.99 -26.16
N PRO A 411 20.15 -16.50 -27.07
CA PRO A 411 19.78 -16.53 -28.50
C PRO A 411 19.52 -17.95 -29.03
N GLU A 412 20.23 -18.94 -28.47
CA GLU A 412 20.05 -20.38 -28.80
C GLU A 412 18.65 -20.80 -28.42
N GLU A 413 18.25 -20.45 -27.21
CA GLU A 413 16.91 -20.77 -26.72
C GLU A 413 15.81 -20.12 -27.54
N ILE A 414 16.05 -18.90 -28.02
CA ILE A 414 15.10 -18.19 -28.86
C ILE A 414 14.99 -18.78 -30.25
N GLU A 415 16.10 -19.12 -30.88
CA GLU A 415 16.04 -19.83 -32.18
C GLU A 415 15.30 -21.19 -32.13
N ALA A 416 15.58 -22.02 -31.13
CA ALA A 416 14.91 -23.32 -30.98
C ALA A 416 13.42 -23.16 -30.81
N ARG A 417 13.04 -22.24 -29.93
CA ARG A 417 11.64 -21.88 -29.72
C ARG A 417 10.98 -21.32 -30.98
N ARG A 418 11.68 -20.46 -31.73
CA ARG A 418 11.10 -19.95 -32.99
C ARG A 418 10.95 -21.08 -34.00
N LYS A 419 11.99 -21.89 -34.15
CA LYS A 419 11.99 -23.05 -35.05
C LYS A 419 10.78 -23.98 -34.80
N ALA A 420 10.44 -24.22 -33.54
CA ALA A 420 9.36 -25.15 -33.22
C ALA A 420 7.94 -24.54 -33.28
N GLY A 421 7.79 -23.29 -33.73
CA GLY A 421 6.47 -22.63 -33.74
C GLY A 421 5.99 -22.10 -32.39
N LYS A 422 6.88 -22.05 -31.41
CA LYS A 422 6.55 -21.48 -30.10
C LYS A 422 6.74 -19.96 -30.08
N VAL A 423 6.05 -19.35 -29.12
CA VAL A 423 6.01 -17.91 -28.95
C VAL A 423 6.85 -17.51 -27.73
N THR A 424 7.61 -16.43 -27.86
CA THR A 424 8.58 -16.02 -26.85
C THR A 424 8.51 -14.49 -26.71
N THR A 425 8.05 -13.99 -25.56
CA THR A 425 7.82 -12.54 -25.36
C THR A 425 8.39 -12.11 -24.04
N TYR A 426 8.18 -10.84 -23.71
CA TYR A 426 8.51 -10.28 -22.41
C TYR A 426 7.39 -9.37 -21.89
N TYR A 427 7.39 -9.11 -20.58
CA TYR A 427 6.49 -8.16 -19.98
C TYR A 427 7.17 -7.21 -19.02
N THR A 428 6.52 -6.08 -18.84
CA THR A 428 6.72 -5.25 -17.69
C THR A 428 5.37 -5.30 -16.98
N CYS A 429 5.47 -4.94 -15.71
CA CYS A 429 4.38 -4.93 -14.75
C CYS A 429 4.63 -3.69 -13.86
N CYS A 430 4.19 -3.75 -12.61
CA CYS A 430 4.54 -2.75 -11.62
C CYS A 430 6.03 -2.64 -11.22
N THR A 431 6.88 -3.64 -11.47
CA THR A 431 8.28 -3.61 -10.92
C THR A 431 9.13 -2.46 -11.46
N GLU A 432 8.93 -2.16 -12.74
CA GLU A 432 9.90 -1.44 -13.57
C GLU A 432 9.53 0.03 -13.73
N PRO A 433 10.31 0.94 -13.15
CA PRO A 433 9.88 2.35 -13.21
C PRO A 433 9.77 2.83 -14.64
N ARG A 434 10.78 2.51 -15.42
CA ARG A 434 10.82 2.75 -16.85
C ARG A 434 11.37 1.46 -17.44
N PRO A 435 11.04 1.13 -18.68
CA PRO A 435 9.91 1.66 -19.43
C PRO A 435 8.60 1.11 -18.93
N ASN A 436 7.55 1.92 -18.97
CA ASN A 436 6.23 1.46 -18.63
C ASN A 436 5.14 2.28 -19.26
N THR A 437 3.89 1.89 -19.00
CA THR A 437 2.71 2.53 -19.48
C THR A 437 1.78 2.93 -18.34
N PHE A 438 2.34 3.43 -17.24
CA PHE A 438 1.56 4.15 -16.26
C PHE A 438 1.09 5.50 -16.86
N THR A 439 0.01 6.08 -16.35
CA THR A 439 -0.53 7.28 -16.94
C THR A 439 0.45 8.45 -16.87
N PHE A 440 1.33 8.44 -15.88
CA PHE A 440 2.46 9.39 -15.79
C PHE A 440 3.75 9.04 -16.58
N SER A 441 3.85 7.84 -17.15
CA SER A 441 5.06 7.45 -17.90
C SER A 441 5.22 8.37 -19.11
N GLU A 442 6.47 8.58 -19.54
CA GLU A 442 6.69 9.36 -20.75
C GLU A 442 6.07 8.60 -21.91
N PRO A 443 5.35 9.31 -22.78
CA PRO A 443 4.75 8.65 -23.94
C PRO A 443 5.70 7.78 -24.76
N ALA A 444 6.95 8.20 -24.93
CA ALA A 444 7.89 7.44 -25.71
C ALA A 444 8.19 6.08 -25.06
N GLU A 445 8.06 5.96 -23.75
CA GLU A 445 8.30 4.67 -23.13
C GLU A 445 7.43 3.60 -23.79
N ALA A 446 6.17 3.89 -24.06
CA ALA A 446 5.29 2.87 -24.68
C ALA A 446 5.81 2.38 -25.99
N GLU A 447 6.33 3.30 -26.80
CA GLU A 447 6.91 2.98 -28.10
C GLU A 447 8.21 2.18 -27.96
N TRP A 448 9.08 2.63 -27.05
CA TRP A 448 10.34 1.93 -26.67
C TRP A 448 10.13 0.41 -26.43
N LEU A 449 8.98 0.04 -25.85
CA LEU A 449 8.69 -1.36 -25.59
C LEU A 449 8.74 -2.23 -26.82
N ALA A 450 8.13 -1.80 -27.90
CA ALA A 450 8.17 -2.54 -29.14
C ALA A 450 9.57 -2.60 -29.75
N TRP A 451 10.33 -1.52 -29.67
CA TRP A 451 11.71 -1.52 -30.20
C TRP A 451 12.55 -2.52 -29.43
N HIS A 452 12.27 -2.67 -28.13
CA HIS A 452 13.02 -3.57 -27.26
C HIS A 452 12.79 -5.02 -27.61
N SER A 453 11.56 -5.35 -28.01
CA SER A 453 11.27 -6.66 -28.60
C SER A 453 12.17 -6.89 -29.79
N ALA A 454 12.29 -5.89 -30.66
CA ALA A 454 13.11 -6.02 -31.87
C ALA A 454 14.61 -6.21 -31.56
N LYS A 455 15.12 -5.52 -30.53
CA LYS A 455 16.54 -5.68 -30.14
C LYS A 455 16.84 -7.10 -29.65
N GLU A 456 15.90 -7.68 -28.90
CA GLU A 456 16.07 -9.01 -28.25
C GLU A 456 15.64 -10.20 -29.11
N ASN A 457 15.17 -9.92 -30.34
CA ASN A 457 14.62 -10.96 -31.24
C ASN A 457 13.49 -11.74 -30.59
N LEU A 458 12.69 -11.05 -29.81
CA LEU A 458 11.48 -11.63 -29.23
C LEU A 458 10.34 -11.41 -30.22
N ASP A 459 9.28 -12.17 -30.06
CA ASP A 459 8.16 -12.13 -30.97
C ASP A 459 7.22 -10.97 -30.69
N GLY A 460 7.31 -10.36 -29.52
CA GLY A 460 6.33 -9.38 -29.14
C GLY A 460 6.38 -8.95 -27.70
N TYR A 461 5.23 -8.56 -27.17
CA TYR A 461 5.14 -7.95 -25.84
C TYR A 461 3.81 -8.31 -25.24
N LEU A 462 3.83 -8.42 -23.92
CA LEU A 462 2.67 -8.74 -23.10
C LEU A 462 2.47 -7.72 -21.98
N ARG A 463 1.23 -7.32 -21.79
CA ARG A 463 0.82 -6.59 -20.60
C ARG A 463 -0.52 -7.10 -20.12
N TRP A 464 -0.68 -7.05 -18.82
CA TRP A 464 -1.69 -7.81 -18.14
C TRP A 464 -3.06 -7.17 -18.05
N ALA A 465 -3.21 -5.97 -18.54
CA ALA A 465 -4.52 -5.25 -18.44
C ALA A 465 -4.75 -4.23 -19.53
N LEU A 466 -5.57 -4.62 -20.47
CA LEU A 466 -6.05 -3.74 -21.53
C LEU A 466 -7.06 -2.74 -20.99
N ASN A 467 -8.02 -3.23 -20.22
CA ASN A 467 -9.16 -2.44 -19.84
C ASN A 467 -9.78 -2.86 -18.51
N SER A 468 -8.95 -3.14 -17.52
CA SER A 468 -9.45 -3.51 -16.17
C SER A 468 -9.68 -2.24 -15.39
N TRP A 469 -10.73 -1.57 -15.83
CA TRP A 469 -11.05 -0.27 -15.35
C TRP A 469 -11.32 -0.20 -13.85
N VAL A 470 -10.82 0.86 -13.26
CA VAL A 470 -11.22 1.36 -11.95
C VAL A 470 -12.68 1.90 -11.95
N LYS A 471 -13.13 2.52 -10.87
CA LYS A 471 -14.52 2.95 -10.78
C LYS A 471 -14.83 3.99 -11.85
N ASN A 472 -13.97 4.99 -11.98
CA ASN A 472 -14.21 6.10 -12.90
C ASN A 472 -12.98 6.34 -13.75
N PRO A 473 -12.77 5.48 -14.74
CA PRO A 473 -11.54 5.48 -15.51
C PRO A 473 -11.25 6.72 -16.32
N LEU A 474 -12.26 7.47 -16.74
CA LEU A 474 -12.02 8.71 -17.52
C LEU A 474 -11.50 9.86 -16.69
N GLN A 475 -11.79 9.79 -15.40
CA GLN A 475 -11.51 10.86 -14.45
C GLN A 475 -10.22 10.60 -13.68
N ASP A 476 -10.14 9.40 -13.09
CA ASP A 476 -9.16 9.03 -12.08
C ASP A 476 -8.61 7.63 -12.44
N SER A 477 -7.33 7.56 -12.79
CA SER A 477 -6.67 6.31 -13.16
C SER A 477 -5.95 5.59 -11.99
N ARG A 478 -6.03 6.14 -10.76
CA ARG A 478 -5.45 5.53 -9.59
C ARG A 478 -6.28 4.35 -9.15
N PHE A 479 -5.61 3.41 -8.47
CA PHE A 479 -6.24 2.20 -7.95
C PHE A 479 -5.69 1.90 -6.57
N THR A 480 -6.35 1.03 -5.83
CA THR A 480 -5.87 0.63 -4.50
C THR A 480 -4.52 -0.10 -4.52
N ALA A 481 -4.05 -0.47 -5.71
CA ALA A 481 -2.69 -0.95 -5.91
C ALA A 481 -2.06 -0.41 -7.19
N TRP A 482 -0.73 -0.38 -7.17
CA TRP A 482 0.14 -0.03 -8.30
C TRP A 482 0.08 1.42 -8.69
N ALA A 483 1.06 1.82 -9.46
CA ALA A 483 1.00 3.07 -10.18
C ALA A 483 -0.30 3.20 -10.98
N ALA A 484 -0.72 4.46 -11.12
CA ALA A 484 -1.93 4.82 -11.84
C ALA A 484 -1.72 4.45 -13.29
N GLY A 485 -2.73 3.86 -13.91
CA GLY A 485 -2.65 3.44 -15.29
C GLY A 485 -2.17 2.02 -15.51
N ASP A 486 -1.79 1.33 -14.43
CA ASP A 486 -1.33 -0.06 -14.53
C ASP A 486 -2.41 -1.01 -15.02
N THR A 487 -3.65 -0.68 -14.66
CA THR A 487 -4.77 -1.58 -14.88
C THR A 487 -5.52 -1.35 -16.19
N TYR A 488 -5.13 -0.35 -16.99
CA TYR A 488 -5.76 -0.15 -18.31
C TYR A 488 -5.09 0.82 -19.22
N MET A 489 -5.37 0.65 -20.49
CA MET A 489 -4.71 1.38 -21.53
C MET A 489 -5.70 1.88 -22.59
N ILE A 490 -6.95 1.50 -22.49
CA ILE A 490 -7.99 2.09 -23.27
C ILE A 490 -9.15 2.54 -22.38
N TYR A 491 -9.90 3.50 -22.89
CA TYR A 491 -10.91 4.14 -22.09
C TYR A 491 -12.33 3.92 -22.60
N PRO A 492 -13.34 4.13 -21.74
CA PRO A 492 -14.73 4.14 -22.20
C PRO A 492 -15.05 5.04 -23.39
N GLY A 493 -16.01 4.61 -24.19
CA GLY A 493 -16.31 5.18 -25.46
C GLY A 493 -15.44 4.65 -26.54
N ALA A 494 -14.61 3.65 -26.24
CA ALA A 494 -13.69 3.13 -27.24
C ALA A 494 -12.67 4.21 -27.63
N ARG A 495 -12.14 4.88 -26.62
CA ARG A 495 -11.14 5.92 -26.77
C ARG A 495 -9.74 5.37 -26.50
N SER A 496 -8.85 5.55 -27.45
CA SER A 496 -7.45 5.14 -27.29
C SER A 496 -6.75 5.98 -26.27
N SER A 497 -5.53 5.61 -25.90
CA SER A 497 -4.66 6.44 -24.99
C SER A 497 -3.45 6.96 -25.75
N ILE A 498 -2.78 7.96 -25.21
CA ILE A 498 -1.45 8.29 -25.73
C ILE A 498 -0.57 7.03 -25.67
N ARG A 499 -0.61 6.31 -24.57
CA ARG A 499 0.17 5.13 -24.41
C ARG A 499 -0.05 4.11 -25.50
N LEU A 500 -1.30 3.84 -25.84
CA LEU A 500 -1.57 2.76 -26.80
C LEU A 500 -1.20 3.18 -28.21
N GLU A 501 -1.36 4.47 -28.53
CA GLU A 501 -0.97 5.00 -29.87
C GLU A 501 0.53 4.98 -30.10
N ARG A 502 1.30 5.26 -29.05
CA ARG A 502 2.75 5.20 -29.15
C ARG A 502 3.24 3.74 -29.23
N LEU A 503 2.65 2.87 -28.42
CA LEU A 503 2.94 1.47 -28.49
C LEU A 503 2.66 0.97 -29.89
N THR A 504 1.52 1.36 -30.47
CA THR A 504 1.18 0.93 -31.83
C THR A 504 2.19 1.43 -32.85
N GLU A 505 2.71 2.64 -32.67
CA GLU A 505 3.71 3.16 -33.60
C GLU A 505 4.98 2.33 -33.46
N GLY A 506 5.36 1.97 -32.24
CA GLY A 506 6.51 1.09 -32.00
C GLY A 506 6.32 -0.26 -32.63
N ILE A 507 5.13 -0.81 -32.48
CA ILE A 507 4.81 -2.07 -33.17
C ILE A 507 4.96 -1.96 -34.69
N GLN A 508 4.52 -0.84 -35.26
CA GLN A 508 4.67 -0.63 -36.68
C GLN A 508 6.14 -0.63 -37.09
N PHE A 509 6.97 0.03 -36.30
CA PHE A 509 8.39 0.07 -36.58
C PHE A 509 9.06 -1.30 -36.37
N PHE A 510 8.57 -2.11 -35.43
CA PHE A 510 9.01 -3.52 -35.31
C PHE A 510 8.79 -4.23 -36.65
N GLU A 511 7.61 -4.06 -37.23
CA GLU A 511 7.28 -4.67 -38.50
C GLU A 511 8.13 -4.16 -39.64
N LYS A 512 8.42 -2.86 -39.65
CA LYS A 512 9.32 -2.27 -40.65
C LYS A 512 10.74 -2.81 -40.57
N VAL A 513 11.30 -2.87 -39.37
CA VAL A 513 12.61 -3.45 -39.14
C VAL A 513 12.70 -4.88 -39.67
N ARG A 514 11.65 -5.65 -39.44
CA ARG A 514 11.57 -7.01 -39.94
C ARG A 514 11.59 -7.01 -41.49
N ILE A 515 10.81 -6.14 -42.12
CA ILE A 515 10.73 -6.10 -43.60
C ILE A 515 12.04 -5.65 -44.27
N LEU A 516 12.73 -4.73 -43.62
CA LEU A 516 13.99 -4.18 -44.15
C LEU A 516 15.10 -5.17 -44.03
N LYS A 517 15.19 -5.86 -42.91
CA LYS A 517 16.17 -6.94 -42.76
C LYS A 517 15.97 -8.10 -43.78
N GLU A 518 14.72 -8.49 -44.06
CA GLU A 518 14.43 -9.52 -45.08
C GLU A 518 14.85 -9.05 -46.48
N GLU A 519 14.69 -7.76 -46.77
CA GLU A 519 15.18 -7.19 -48.03
C GLU A 519 16.73 -7.13 -48.06
N PHE A 520 17.34 -6.69 -46.97
CA PHE A 520 18.82 -6.50 -46.91
C PHE A 520 19.61 -7.78 -46.84
N GLU A 521 19.03 -8.83 -46.24
CA GLU A 521 19.56 -10.18 -46.35
C GLU A 521 19.51 -10.69 -47.80
N GLU A 522 18.40 -10.40 -48.49
CA GLU A 522 18.18 -10.81 -49.88
C GLU A 522 19.11 -10.07 -50.87
N LYS A 523 19.26 -8.74 -50.75
CA LYS A 523 20.39 -8.03 -51.38
C LYS A 523 21.64 -8.40 -50.57
N GLY A 524 22.79 -7.83 -50.91
CA GLY A 524 24.03 -8.12 -50.18
C GLY A 524 24.34 -7.17 -49.04
N ASN A 525 23.31 -6.52 -48.48
CA ASN A 525 23.49 -5.24 -47.77
C ASN A 525 23.95 -5.36 -46.31
N LYS A 526 25.21 -5.77 -46.13
CA LYS A 526 25.82 -5.87 -44.79
C LYS A 526 25.96 -4.54 -44.05
N GLY A 527 26.07 -3.43 -44.80
CA GLY A 527 26.16 -2.11 -44.20
C GLY A 527 24.88 -1.77 -43.47
N ALA A 528 23.75 -2.01 -44.13
CA ALA A 528 22.45 -1.68 -43.58
C ALA A 528 22.09 -2.51 -42.36
N ILE A 529 22.36 -3.82 -42.41
CA ILE A 529 22.07 -4.73 -41.28
C ILE A 529 22.88 -4.38 -40.05
N LYS A 530 24.14 -4.03 -40.22
CA LYS A 530 24.99 -3.63 -39.10
C LYS A 530 24.53 -2.32 -38.46
N ASN A 531 23.99 -1.42 -39.29
CA ASN A 531 23.58 -0.11 -38.84
C ASN A 531 22.29 -0.24 -38.05
N ILE A 532 21.28 -0.87 -38.66
CA ILE A 532 20.03 -1.15 -37.98
C ILE A 532 20.31 -1.79 -36.62
N ASP A 533 21.19 -2.80 -36.61
CA ASP A 533 21.47 -3.51 -35.36
C ASP A 533 22.13 -2.63 -34.29
N LYS A 534 22.91 -1.62 -34.70
CA LYS A 534 23.56 -0.75 -33.69
C LYS A 534 22.61 0.35 -33.21
N THR A 535 21.65 0.71 -34.04
CA THR A 535 20.53 1.54 -33.60
C THR A 535 19.73 0.81 -32.51
N LEU A 536 19.45 -0.48 -32.75
CA LEU A 536 18.71 -1.29 -31.81
C LEU A 536 19.38 -1.45 -30.45
N LYS A 537 20.72 -1.37 -30.35
CA LYS A 537 21.38 -1.50 -29.05
C LYS A 537 21.06 -0.37 -28.07
N MET A 538 20.48 0.73 -28.55
CA MET A 538 19.95 1.79 -27.68
C MET A 538 18.83 1.31 -26.76
N PHE A 539 18.13 0.22 -27.12
CA PHE A 539 16.99 -0.26 -26.34
C PHE A 539 17.33 -1.34 -25.31
N ASP A 540 18.32 -1.01 -24.50
CA ASP A 540 18.72 -1.82 -23.39
C ASP A 540 18.19 -1.15 -22.13
N GLU A 541 17.60 -1.94 -21.25
CA GLU A 541 16.96 -1.44 -20.03
C GLU A 541 17.90 -0.74 -19.04
N SER A 542 19.21 -0.94 -19.20
CA SER A 542 20.24 -0.26 -18.40
C SER A 542 21.06 0.79 -19.17
N SER A 543 20.77 1.00 -20.45
CA SER A 543 21.24 2.17 -21.22
C SER A 543 20.24 3.35 -21.26
N MET A 544 19.23 3.33 -20.39
CA MET A 544 18.22 4.41 -20.36
C MET A 544 18.74 5.69 -19.72
N ASP A 545 19.78 5.58 -18.91
CA ASP A 545 20.33 6.74 -18.23
C ASP A 545 21.37 7.47 -19.04
N LYS A 546 22.01 6.84 -20.01
CA LYS A 546 22.84 7.60 -20.97
C LYS A 546 22.02 8.07 -22.16
N ILE A 547 21.03 7.30 -22.58
CA ILE A 547 20.17 7.67 -23.69
C ILE A 547 18.73 7.50 -23.24
N SER A 548 17.98 8.59 -23.23
CA SER A 548 16.62 8.55 -22.73
C SER A 548 15.68 7.89 -23.74
N PRO A 549 14.62 7.27 -23.24
CA PRO A 549 13.70 6.60 -24.13
C PRO A 549 13.19 7.45 -25.28
N THR A 550 12.88 8.69 -24.99
CA THR A 550 12.46 9.62 -26.01
C THR A 550 13.54 9.84 -27.06
N THR A 551 14.77 10.12 -26.62
CA THR A 551 15.87 10.31 -27.56
C THR A 551 16.11 9.05 -28.42
N ALA A 552 16.09 7.88 -27.77
CA ALA A 552 16.30 6.56 -28.41
C ALA A 552 15.33 6.36 -29.55
N VAL A 553 14.05 6.47 -29.22
CA VAL A 553 12.94 6.27 -30.14
C VAL A 553 13.03 7.19 -31.35
N ASN A 554 13.17 8.49 -31.11
CA ASN A 554 13.24 9.45 -32.23
C ASN A 554 14.47 9.23 -33.12
N LYS A 555 15.60 8.89 -32.51
CA LYS A 555 16.79 8.56 -33.28
C LYS A 555 16.46 7.40 -34.24
N ALA A 556 15.89 6.33 -33.68
CA ALA A 556 15.69 5.09 -34.40
C ALA A 556 14.60 5.19 -35.47
N LYS A 557 13.58 6.00 -35.23
CA LYS A 557 12.58 6.32 -36.24
C LYS A 557 13.21 6.96 -37.49
N LYS A 558 14.08 7.96 -37.28
CA LYS A 558 14.75 8.68 -38.38
C LYS A 558 15.53 7.72 -39.24
N VAL A 559 16.31 6.87 -38.56
CA VAL A 559 17.19 5.87 -39.19
C VAL A 559 16.45 4.89 -40.09
N ILE A 560 15.38 4.31 -39.58
CA ILE A 560 14.58 3.35 -40.34
C ILE A 560 13.88 4.01 -41.53
N ASN A 561 13.44 5.24 -41.31
CA ASN A 561 12.75 5.99 -42.36
C ASN A 561 13.68 6.54 -43.44
N ARG A 562 14.99 6.57 -43.18
CA ARG A 562 15.97 6.89 -44.25
C ARG A 562 16.10 5.73 -45.24
N TYR A 563 15.98 4.49 -44.76
CA TYR A 563 15.99 3.31 -45.66
C TYR A 563 14.59 3.13 -46.23
N THR B 2 22.34 -12.18 27.73
CA THR B 2 22.75 -13.51 27.09
C THR B 2 21.56 -14.49 27.00
N SER B 3 20.85 -14.67 28.13
CA SER B 3 19.57 -15.38 28.17
C SER B 3 18.44 -14.65 27.40
N GLU B 4 18.63 -13.35 27.14
CA GLU B 4 17.72 -12.60 26.28
C GLU B 4 18.08 -12.66 24.79
N TYR B 5 19.14 -13.36 24.36
CA TYR B 5 19.41 -13.52 22.90
C TYR B 5 18.40 -14.47 22.32
N TYR B 6 18.09 -14.31 21.03
CA TYR B 6 17.01 -15.08 20.46
C TYR B 6 17.16 -15.19 18.98
N GLN B 7 16.40 -16.13 18.42
CA GLN B 7 16.23 -16.23 16.96
C GLN B 7 14.83 -15.81 16.51
N GLU B 8 14.80 -15.03 15.44
CA GLU B 8 13.56 -14.69 14.75
C GLU B 8 12.95 -15.90 14.11
N ALA B 9 11.67 -15.80 13.78
CA ALA B 9 10.99 -16.85 13.03
C ALA B 9 11.42 -16.81 11.57
N ALA B 10 11.19 -17.94 10.89
CA ALA B 10 11.39 -18.05 9.47
C ALA B 10 10.48 -17.06 8.74
N ASN B 11 11.06 -16.39 7.75
CA ASN B 11 10.31 -15.54 6.83
C ASN B 11 9.29 -16.40 6.05
N PRO B 12 7.98 -16.08 6.13
CA PRO B 12 6.99 -16.75 5.27
C PRO B 12 7.06 -16.34 3.78
N ILE B 13 7.77 -15.25 3.47
CA ILE B 13 8.01 -14.79 2.11
C ILE B 13 9.44 -15.22 1.73
N ALA B 14 9.52 -16.06 0.69
CA ALA B 14 10.79 -16.41 0.05
C ALA B 14 11.48 -15.16 -0.53
N THR B 15 12.80 -15.12 -0.42
CA THR B 15 13.61 -14.03 -0.96
C THR B 15 13.71 -14.22 -2.48
N ASN B 16 13.52 -13.13 -3.24
CA ASN B 16 13.55 -13.16 -4.69
C ASN B 16 14.88 -12.61 -5.20
N PRO B 17 15.75 -13.47 -5.73
CA PRO B 17 17.07 -13.01 -6.19
C PRO B 17 17.06 -11.89 -7.25
N ALA B 18 15.98 -11.83 -8.03
CA ALA B 18 15.82 -10.81 -9.08
C ALA B 18 15.73 -9.37 -8.51
N LEU B 19 15.03 -9.22 -7.38
CA LEU B 19 15.00 -7.94 -6.67
C LEU B 19 16.39 -7.42 -6.24
N TRP B 20 17.35 -8.33 -6.05
CA TRP B 20 18.72 -8.01 -5.58
C TRP B 20 19.85 -7.92 -6.61
N ALA B 21 19.56 -8.13 -7.90
CA ALA B 21 20.61 -8.18 -8.94
C ALA B 21 21.40 -6.85 -9.19
N LYS B 22 20.77 -5.70 -9.02
CA LYS B 22 21.49 -4.42 -9.17
C LYS B 22 22.16 -3.95 -7.86
N VAL B 23 22.07 -4.73 -6.78
CA VAL B 23 22.82 -4.45 -5.55
C VAL B 23 24.19 -5.15 -5.68
N THR B 24 25.24 -4.37 -5.93
CA THR B 24 26.59 -4.93 -6.20
C THR B 24 27.45 -5.05 -4.91
N ALA B 25 27.32 -4.09 -3.99
CA ALA B 25 28.09 -4.02 -2.75
C ALA B 25 27.12 -3.80 -1.60
N PRO B 26 27.58 -4.00 -0.34
CA PRO B 26 26.63 -3.69 0.75
C PRO B 26 26.39 -2.15 0.86
N GLN B 27 25.17 -1.75 1.24
CA GLN B 27 24.76 -0.35 1.24
C GLN B 27 24.37 0.06 2.65
N ILE B 28 24.82 1.24 3.04
CA ILE B 28 24.55 1.79 4.35
C ILE B 28 24.04 3.21 4.20
N SER B 29 22.87 3.49 4.78
CA SER B 29 22.23 4.79 4.64
C SER B 29 21.33 5.11 5.80
N TRP B 30 21.27 6.39 6.14
CA TRP B 30 20.15 6.88 6.92
C TRP B 30 18.84 6.52 6.21
N GLY B 31 17.81 6.22 7.01
CA GLY B 31 16.47 5.88 6.55
C GLY B 31 15.48 6.82 7.20
N SER B 32 14.31 6.30 7.53
CA SER B 32 13.24 7.07 8.12
C SER B 32 12.61 6.34 9.30
N THR B 33 12.26 7.09 10.33
CA THR B 33 11.59 6.49 11.46
C THR B 33 10.12 6.24 11.12
N ASP B 34 9.65 6.70 9.95
CA ASP B 34 8.32 6.34 9.45
C ASP B 34 8.22 4.98 8.75
N ILE B 35 9.32 4.24 8.64
CA ILE B 35 9.33 3.04 7.76
C ILE B 35 9.83 1.74 8.42
N ARG B 36 9.05 0.68 8.20
CA ARG B 36 9.39 -0.67 8.58
C ARG B 36 9.98 -1.29 7.31
N TYR B 37 11.31 -1.48 7.33
CA TYR B 37 11.99 -2.00 6.15
C TYR B 37 11.82 -3.50 6.17
N LYS B 38 11.35 -4.07 5.05
CA LYS B 38 11.18 -5.51 4.93
C LYS B 38 12.52 -6.18 4.84
N LYS B 39 12.57 -7.41 5.35
CA LYS B 39 13.82 -8.19 5.46
C LYS B 39 14.33 -8.73 4.10
N GLU B 40 13.38 -9.22 3.30
CA GLU B 40 13.60 -9.94 2.02
C GLU B 40 13.70 -9.08 0.74
N GLU B 41 13.75 -7.74 0.90
CA GLU B 41 13.83 -6.80 -0.22
C GLU B 41 14.90 -5.77 0.06
N PRO B 42 15.54 -5.22 -0.97
CA PRO B 42 16.43 -4.12 -0.68
C PRO B 42 15.67 -2.91 -0.18
N ALA B 43 16.37 -2.15 0.65
CA ALA B 43 15.84 -0.89 1.16
C ALA B 43 15.39 -0.03 0.01
N PRO B 44 14.18 0.56 0.10
CA PRO B 44 13.68 1.42 -0.98
C PRO B 44 14.30 2.83 -0.90
N ILE B 45 15.60 2.91 -1.23
CA ILE B 45 16.39 4.13 -1.14
C ILE B 45 17.27 4.16 -2.39
N HIS B 46 17.02 5.13 -3.25
CA HIS B 46 17.75 5.32 -4.51
C HIS B 46 19.24 5.60 -4.20
N SER B 47 19.43 6.47 -3.21
CA SER B 47 20.68 7.18 -3.03
C SER B 47 21.11 7.12 -1.58
N ALA B 48 22.39 6.88 -1.33
CA ALA B 48 22.91 6.88 0.04
C ALA B 48 22.80 8.28 0.64
N GLN B 49 21.93 8.45 1.63
CA GLN B 49 21.88 9.68 2.42
C GLN B 49 22.87 9.50 3.58
N LYS B 50 23.92 10.32 3.56
CA LYS B 50 25.05 10.18 4.49
C LYS B 50 24.91 11.05 5.74
N SER B 51 24.10 12.12 5.68
CA SER B 51 23.87 13.03 6.82
C SER B 51 22.43 12.94 7.30
N MET B 52 22.23 13.24 8.59
CA MET B 52 20.91 13.32 9.23
C MET B 52 20.85 14.60 10.07
N ASN B 53 19.90 15.48 9.73
CA ASN B 53 19.62 16.71 10.48
C ASN B 53 18.40 16.48 11.38
N LEU B 54 18.66 16.51 12.68
CA LEU B 54 17.63 16.43 13.68
C LEU B 54 17.52 17.77 14.41
N THR B 55 16.31 18.10 14.85
CA THR B 55 16.04 19.27 15.66
C THR B 55 15.36 18.79 16.95
N ALA B 56 15.75 19.36 18.10
CA ALA B 56 15.15 18.97 19.38
C ALA B 56 15.30 20.01 20.48
N TRP B 57 14.47 19.85 21.49
CA TRP B 57 14.52 20.68 22.68
C TRP B 57 15.53 20.08 23.68
N LYS B 58 15.95 20.84 24.68
CA LYS B 58 16.72 20.26 25.77
C LYS B 58 15.76 19.34 26.51
N GLY B 59 16.23 18.17 26.94
CA GLY B 59 15.36 17.24 27.67
C GLY B 59 14.64 16.22 26.81
N GLU B 60 14.55 16.47 25.51
CA GLU B 60 13.79 15.64 24.58
C GLU B 60 14.57 14.39 24.19
N LYS B 61 13.83 13.30 23.97
CA LYS B 61 14.32 12.09 23.32
C LYS B 61 13.94 12.10 21.83
N ILE B 62 14.93 11.92 20.99
CA ILE B 62 14.72 12.01 19.55
C ILE B 62 15.43 10.86 18.87
N SER B 63 14.88 10.39 17.76
CA SER B 63 15.35 9.18 17.15
C SER B 63 15.56 9.29 15.65
N ALA B 64 16.28 8.32 15.12
CA ALA B 64 16.53 8.22 13.68
C ALA B 64 16.76 6.75 13.36
N GLN B 65 16.40 6.30 12.16
CA GLN B 65 16.68 4.94 11.73
C GLN B 65 17.76 4.99 10.64
N LEU B 66 18.73 4.10 10.75
CA LEU B 66 19.69 3.83 9.67
C LEU B 66 19.34 2.47 9.10
N VAL B 67 19.78 2.21 7.89
CA VAL B 67 19.51 0.93 7.28
C VAL B 67 20.66 0.36 6.49
N VAL B 68 20.81 -0.96 6.62
CA VAL B 68 21.86 -1.72 6.02
C VAL B 68 21.24 -2.81 5.18
N TRP B 69 21.67 -2.92 3.92
CA TRP B 69 21.27 -4.06 3.09
C TRP B 69 22.40 -4.57 2.19
N THR B 70 22.43 -5.90 2.02
CA THR B 70 23.60 -6.61 1.56
C THR B 70 23.25 -7.75 0.59
N PRO B 71 23.96 -7.82 -0.54
CA PRO B 71 23.86 -9.00 -1.38
C PRO B 71 24.70 -10.18 -0.87
N LYS B 72 25.58 -9.97 0.11
CA LYS B 72 26.44 -11.02 0.67
C LYS B 72 26.26 -11.13 2.19
N VAL B 73 26.77 -12.23 2.73
CA VAL B 73 26.73 -12.49 4.17
C VAL B 73 27.61 -11.46 4.88
N LEU B 74 27.06 -10.75 5.88
CA LEU B 74 27.84 -9.87 6.75
C LEU B 74 27.84 -10.43 8.17
N ASN B 75 29.01 -10.82 8.67
CA ASN B 75 29.15 -11.45 9.99
C ASN B 75 29.33 -10.39 11.07
N ASP B 76 28.68 -10.59 12.23
CA ASP B 76 28.87 -9.74 13.40
C ASP B 76 28.75 -8.25 13.08
N LEU B 77 27.64 -7.90 12.43
CA LEU B 77 27.24 -6.50 12.19
C LEU B 77 27.01 -5.78 13.50
N THR B 78 27.52 -4.57 13.61
CA THR B 78 27.54 -3.82 14.84
C THR B 78 27.40 -2.35 14.47
N PHE B 79 26.84 -1.54 15.36
CA PHE B 79 27.04 -0.09 15.26
C PHE B 79 27.21 0.57 16.60
N MET B 80 28.30 1.32 16.76
CA MET B 80 28.50 2.24 17.88
C MET B 80 28.19 3.63 17.35
N VAL B 81 27.99 4.56 18.28
CA VAL B 81 27.81 5.99 17.99
C VAL B 81 28.81 6.71 18.87
N SER B 82 29.36 7.81 18.36
CA SER B 82 30.29 8.63 19.11
C SER B 82 29.56 9.54 20.09
N ASP B 83 30.34 10.25 20.90
CA ASP B 83 29.89 11.47 21.58
C ASP B 83 29.39 12.39 20.49
N LEU B 84 28.50 13.30 20.86
CA LEU B 84 28.13 14.40 20.00
C LEU B 84 28.85 15.64 20.54
N THR B 85 29.66 16.27 19.70
CA THR B 85 30.47 17.41 20.14
C THR B 85 29.94 18.70 19.52
N SER B 86 30.13 19.79 20.24
CA SER B 86 29.74 21.11 19.79
C SER B 86 30.66 22.12 20.46
N GLY B 87 31.78 22.42 19.79
CA GLY B 87 32.83 23.24 20.39
C GLY B 87 33.30 22.61 21.67
N SER B 88 33.01 23.28 22.79
CA SER B 88 33.45 22.86 24.13
C SER B 88 32.44 21.98 24.88
N ALA B 89 31.15 22.05 24.50
CA ALA B 89 30.08 21.26 25.17
C ALA B 89 29.78 19.95 24.43
N THR B 90 29.33 18.95 25.19
CA THR B 90 29.24 17.56 24.73
C THR B 90 27.95 16.90 25.20
N ILE B 91 27.45 15.96 24.39
CA ILE B 91 26.40 15.04 24.79
C ILE B 91 27.07 13.68 24.86
N SER B 92 27.15 13.12 26.06
CA SER B 92 27.83 11.85 26.26
C SER B 92 27.14 10.73 25.48
N LYS B 93 27.90 9.76 24.96
CA LYS B 93 27.32 8.60 24.23
C LYS B 93 26.58 7.60 25.12
N GLU B 94 26.76 7.71 26.44
CA GLU B 94 25.87 7.10 27.45
C GLU B 94 24.40 7.47 27.27
N ASN B 95 24.13 8.66 26.72
CA ASN B 95 22.78 9.14 26.48
C ASN B 95 22.20 8.65 25.14
N ILE B 96 22.87 7.72 24.48
CA ILE B 96 22.45 7.26 23.17
C ILE B 96 22.30 5.74 23.20
N ARG B 97 21.10 5.27 22.90
CA ARG B 97 20.76 3.87 22.85
C ARG B 97 20.74 3.48 21.36
N THR B 98 21.46 2.41 21.00
CA THR B 98 21.38 1.81 19.65
C THR B 98 20.64 0.48 19.76
N GLY B 99 19.90 0.09 18.71
CA GLY B 99 19.33 -1.24 18.66
C GLY B 99 19.07 -1.74 17.26
N PHE B 100 19.04 -3.05 17.11
CA PHE B 100 18.67 -3.64 15.84
C PHE B 100 17.16 -3.72 15.81
N VAL B 101 16.56 -3.14 14.77
CA VAL B 101 15.12 -3.25 14.58
C VAL B 101 14.81 -4.66 14.03
N ARG B 102 14.38 -5.56 14.90
CA ARG B 102 14.19 -6.95 14.54
C ARG B 102 12.75 -7.29 14.19
N TYR B 103 12.61 -8.47 13.60
CA TYR B 103 11.42 -8.85 12.86
C TYR B 103 10.54 -9.80 13.67
N VAL B 104 9.25 -9.46 13.62
CA VAL B 104 8.22 -10.24 14.25
C VAL B 104 7.19 -10.68 13.23
N ILE B 105 6.63 -11.87 13.41
CA ILE B 105 5.51 -12.32 12.58
C ILE B 105 4.24 -11.52 12.90
N THR B 106 3.57 -11.07 11.84
CA THR B 106 2.31 -10.34 11.93
C THR B 106 1.27 -10.90 10.95
N ASP B 107 0.04 -10.36 10.97
CA ASP B 107 -0.97 -10.63 9.92
C ASP B 107 -1.46 -9.38 9.15
N GLU B 108 -2.68 -8.93 9.40
CA GLU B 108 -3.32 -7.93 8.57
C GLU B 108 -4.68 -7.65 9.17
N LEU B 109 -5.39 -6.67 8.61
CA LEU B 109 -6.75 -6.36 9.08
C LEU B 109 -7.66 -7.54 8.73
N ASN B 110 -8.88 -7.60 9.28
CA ASN B 110 -9.92 -8.60 8.83
C ASN B 110 -10.04 -8.51 7.30
N LYS B 111 -10.52 -9.58 6.68
CA LYS B 111 -10.50 -9.69 5.22
C LYS B 111 -11.14 -8.47 4.50
N ASP B 112 -12.24 -7.96 5.05
CA ASP B 112 -12.93 -6.75 4.52
C ASP B 112 -12.17 -5.37 4.58
N GLY B 113 -11.15 -5.25 5.45
CA GLY B 113 -10.40 -4.00 5.64
C GLY B 113 -11.02 -2.97 6.60
N LEU B 114 -12.17 -3.30 7.19
CA LEU B 114 -12.98 -2.36 8.01
C LEU B 114 -12.84 -2.48 9.52
N GLY B 115 -11.92 -3.33 9.98
CA GLY B 115 -11.82 -3.61 11.39
C GLY B 115 -10.85 -4.74 11.59
N ALA B 116 -10.64 -5.09 12.84
CA ALA B 116 -9.75 -6.19 13.21
C ALA B 116 -10.26 -6.93 14.43
N CYS B 117 -11.58 -6.99 14.60
CA CYS B 117 -12.17 -7.51 15.81
C CYS B 117 -12.49 -8.96 15.54
N GLY B 118 -12.74 -9.72 16.61
CA GLY B 118 -13.16 -11.12 16.52
C GLY B 118 -12.05 -12.18 16.48
N TYR B 119 -12.47 -13.42 16.76
CA TYR B 119 -11.59 -14.61 16.76
C TYR B 119 -10.99 -14.92 15.39
N ARG B 120 -9.82 -15.52 15.44
CA ARG B 120 -9.02 -15.81 14.26
C ARG B 120 -8.36 -17.15 14.38
N ASN B 121 -8.38 -17.92 13.29
CA ASN B 121 -7.37 -18.99 13.07
C ASN B 121 -6.30 -18.40 12.17
N SER B 122 -5.04 -18.52 12.61
CA SER B 122 -3.92 -17.98 11.84
C SER B 122 -3.83 -18.51 10.41
N ALA B 123 -4.33 -19.73 10.16
CA ALA B 123 -4.39 -20.28 8.80
C ALA B 123 -5.21 -19.40 7.84
N ASP B 124 -6.31 -18.83 8.32
CA ASP B 124 -7.22 -18.00 7.49
C ASP B 124 -6.63 -16.64 7.02
N PHE B 125 -5.48 -16.21 7.56
CA PHE B 125 -4.89 -14.90 7.24
C PHE B 125 -3.46 -14.94 6.73
N ASP B 126 -3.03 -13.82 6.13
CA ASP B 126 -1.65 -13.66 5.68
C ASP B 126 -0.71 -13.68 6.86
N SER B 127 0.55 -13.89 6.52
CA SER B 127 1.58 -14.09 7.50
C SER B 127 2.83 -13.47 6.92
N THR B 128 3.40 -12.48 7.61
CA THR B 128 4.65 -11.83 7.16
C THR B 128 5.55 -11.50 8.34
N LEU B 129 6.80 -11.19 8.04
CA LEU B 129 7.69 -10.62 9.03
C LEU B 129 7.67 -9.10 8.88
N VAL B 130 7.65 -8.41 10.03
CA VAL B 130 7.77 -6.95 10.01
C VAL B 130 8.70 -6.46 11.10
N ALA B 131 9.40 -5.39 10.76
CA ALA B 131 10.31 -4.71 11.67
C ALA B 131 9.54 -3.95 12.77
N ASP B 132 9.67 -4.39 14.02
CA ASP B 132 9.02 -3.71 15.16
C ASP B 132 9.82 -3.65 16.46
N VAL B 133 10.69 -4.65 16.72
CA VAL B 133 11.38 -4.76 17.99
C VAL B 133 12.64 -3.94 17.99
N ILE B 134 12.87 -3.12 19.02
CA ILE B 134 14.10 -2.34 19.18
C ILE B 134 14.96 -3.15 20.11
N ASP B 135 15.88 -3.94 19.52
CA ASP B 135 16.76 -4.86 20.27
C ASP B 135 18.05 -4.17 20.62
N HIS B 136 18.08 -3.60 21.82
CA HIS B 136 19.24 -2.86 22.31
C HIS B 136 20.20 -3.74 23.10
N ILE B 137 19.89 -5.03 23.19
CA ILE B 137 20.61 -5.94 24.04
C ILE B 137 21.62 -6.72 23.21
N THR B 138 21.16 -7.36 22.15
CA THR B 138 22.05 -8.13 21.27
C THR B 138 23.09 -7.15 20.66
N PRO B 139 24.41 -7.34 20.95
CA PRO B 139 25.44 -6.41 20.45
C PRO B 139 25.78 -6.52 18.95
N THR B 140 25.73 -7.75 18.43
CA THR B 140 25.95 -8.01 16.99
C THR B 140 24.96 -9.00 16.37
N LEU B 141 24.80 -8.90 15.04
CA LEU B 141 23.98 -9.82 14.24
C LEU B 141 24.68 -10.19 12.92
N THR B 142 24.46 -11.42 12.49
CA THR B 142 24.92 -11.91 11.21
C THR B 142 23.77 -11.80 10.20
N LEU B 143 23.92 -10.94 9.20
CA LEU B 143 22.95 -10.83 8.08
C LEU B 143 23.21 -11.88 7.00
N PRO B 144 22.18 -12.66 6.63
CA PRO B 144 22.36 -13.54 5.47
C PRO B 144 22.44 -12.78 4.12
N ALA B 145 22.77 -13.51 3.06
CA ALA B 145 22.79 -12.98 1.70
C ALA B 145 21.40 -12.50 1.34
N ASN B 146 21.34 -11.34 0.68
CA ASN B 146 20.06 -10.73 0.27
C ASN B 146 19.08 -10.51 1.43
N SER B 147 19.47 -9.61 2.33
CA SER B 147 18.61 -9.19 3.41
C SER B 147 18.95 -7.80 3.97
N THR B 148 17.97 -7.23 4.67
CA THR B 148 17.99 -5.82 5.06
C THR B 148 17.82 -5.80 6.57
N GLN B 149 18.44 -4.81 7.23
CA GLN B 149 18.40 -4.72 8.69
C GLN B 149 18.48 -3.27 9.12
N GLY B 150 17.43 -2.82 9.83
CA GLY B 150 17.31 -1.46 10.29
C GLY B 150 18.00 -1.31 11.62
N GLY B 151 18.46 -0.10 11.90
CA GLY B 151 19.10 0.24 13.18
C GLY B 151 18.45 1.49 13.80
N TRP B 152 17.98 1.37 15.04
CA TRP B 152 17.30 2.47 15.70
C TRP B 152 18.27 3.18 16.65
N ILE B 153 18.26 4.50 16.63
CA ILE B 153 19.21 5.30 17.41
C ILE B 153 18.43 6.34 18.19
N SER B 154 18.37 6.19 19.50
CA SER B 154 17.62 7.12 20.36
C SER B 154 18.63 8.01 21.02
N VAL B 155 18.44 9.32 20.95
CA VAL B 155 19.31 10.28 21.58
C VAL B 155 18.53 10.95 22.72
N ASN B 156 18.94 10.67 23.97
CA ASN B 156 18.36 11.31 25.16
C ASN B 156 19.10 12.60 25.47
N ILE B 157 18.49 13.74 25.19
CA ILE B 157 19.18 15.01 25.39
C ILE B 157 19.01 15.46 26.83
N PRO B 158 20.12 15.64 27.58
CA PRO B 158 19.91 16.06 28.98
C PRO B 158 19.37 17.49 29.15
N GLN B 159 18.78 17.74 30.31
CA GLN B 159 18.31 19.07 30.74
C GLN B 159 19.36 20.17 30.70
N GLY B 160 20.54 19.90 31.24
CA GLY B 160 21.61 20.90 31.35
C GLY B 160 22.33 21.26 30.05
N THR B 161 22.02 20.56 28.96
CA THR B 161 22.72 20.72 27.69
C THR B 161 22.55 22.14 27.15
N LYS B 162 23.66 22.72 26.66
CA LYS B 162 23.65 24.10 26.14
C LYS B 162 23.16 24.14 24.69
N ALA B 163 22.34 25.15 24.40
CA ALA B 163 21.76 25.35 23.10
C ALA B 163 22.84 25.55 22.02
N GLY B 164 22.76 24.77 20.93
CA GLY B 164 23.69 24.87 19.81
C GLY B 164 23.61 23.68 18.86
N LYS B 165 24.49 23.68 17.84
CA LYS B 165 24.52 22.61 16.85
C LYS B 165 25.61 21.57 17.20
N TYR B 166 25.20 20.31 17.34
CA TYR B 166 26.08 19.21 17.76
C TYR B 166 26.31 18.22 16.63
N THR B 167 27.57 17.81 16.47
CA THR B 167 28.01 16.92 15.41
C THR B 167 28.46 15.58 16.01
N GLY B 168 28.21 14.49 15.29
CA GLY B 168 28.58 13.15 15.74
C GLY B 168 28.58 12.13 14.62
N THR B 169 29.08 10.94 14.93
CA THR B 169 29.40 9.92 13.95
C THR B 169 28.79 8.60 14.36
N VAL B 170 28.14 7.91 13.42
CA VAL B 170 27.66 6.53 13.63
C VAL B 170 28.51 5.62 12.77
N THR B 171 29.11 4.62 13.40
CA THR B 171 30.10 3.79 12.76
C THR B 171 29.53 2.40 12.69
N VAL B 172 29.32 1.92 11.47
CA VAL B 172 28.79 0.60 11.22
C VAL B 172 29.97 -0.31 10.88
N LYS B 173 30.09 -1.43 11.58
CA LYS B 173 31.18 -2.38 11.38
C LYS B 173 30.58 -3.72 11.04
N ALA B 174 31.36 -4.54 10.33
CA ALA B 174 31.01 -5.94 10.05
C ALA B 174 32.25 -6.74 9.87
N ASP B 175 32.22 -7.97 10.38
CA ASP B 175 33.35 -8.89 10.24
C ASP B 175 34.63 -8.37 10.94
N GLY B 176 34.48 -7.42 11.87
CA GLY B 176 35.60 -6.69 12.46
C GLY B 176 36.16 -5.51 11.66
N ILE B 177 35.55 -5.12 10.53
CA ILE B 177 35.99 -3.94 9.73
C ILE B 177 34.84 -2.94 9.47
N THR B 178 35.16 -1.65 9.44
CA THR B 178 34.19 -0.55 9.25
C THR B 178 33.62 -0.57 7.82
N LEU B 179 32.30 -0.54 7.68
CA LEU B 179 31.63 -0.38 6.37
C LEU B 179 31.29 1.07 6.03
N SER B 180 30.90 1.86 7.04
CA SER B 180 30.56 3.27 6.83
C SER B 180 30.51 4.11 8.11
N GLU B 181 30.76 5.40 7.94
CA GLU B 181 30.60 6.41 8.97
C GLU B 181 29.49 7.35 8.53
N LEU B 182 28.29 7.14 9.06
CA LEU B 182 27.19 8.07 8.85
C LEU B 182 27.39 9.25 9.80
N LYS B 183 27.06 10.45 9.33
CA LYS B 183 27.14 11.67 10.14
C LYS B 183 25.78 12.00 10.74
N LEU B 184 25.79 12.69 11.88
CA LEU B 184 24.55 13.01 12.59
C LEU B 184 24.62 14.43 13.14
N ASN B 185 23.81 15.35 12.60
CA ASN B 185 23.72 16.72 13.10
C ASN B 185 22.47 16.84 13.91
N LEU B 186 22.59 17.56 15.03
CA LEU B 186 21.49 17.76 15.96
C LEU B 186 21.46 19.22 16.38
N GLN B 187 20.39 19.92 16.00
CA GLN B 187 20.16 21.30 16.42
C GLN B 187 19.38 21.28 17.75
N VAL B 188 20.03 21.65 18.86
CA VAL B 188 19.40 21.77 20.18
C VAL B 188 18.93 23.21 20.40
N LYS B 189 17.64 23.39 20.56
CA LYS B 189 17.05 24.71 20.72
C LYS B 189 17.13 25.21 22.17
N ASN B 190 16.79 26.49 22.34
CA ASN B 190 16.82 27.13 23.67
C ASN B 190 15.44 27.05 24.34
N ARG B 191 14.94 25.82 24.46
CA ARG B 191 13.66 25.52 25.12
C ARG B 191 13.79 24.13 25.72
N THR B 192 13.26 23.97 26.92
CA THR B 192 13.52 22.81 27.72
C THR B 192 12.22 22.01 27.95
N LEU B 193 12.34 20.69 27.80
CA LEU B 193 11.22 19.76 27.95
C LEU B 193 11.46 19.07 29.26
N PRO B 194 10.51 19.19 30.21
CA PRO B 194 10.66 18.48 31.50
C PRO B 194 10.88 16.97 31.39
N PRO B 195 11.37 16.36 32.48
CA PRO B 195 11.43 14.90 32.51
C PRO B 195 10.03 14.27 32.44
N PRO B 196 9.94 12.99 32.04
CA PRO B 196 8.69 12.23 32.01
C PRO B 196 7.83 12.36 33.26
N SER B 197 8.44 12.32 34.46
CA SER B 197 7.69 12.50 35.74
C SER B 197 6.83 13.76 35.80
N GLU B 198 7.20 14.78 35.02
CA GLU B 198 6.51 16.07 35.06
C GLU B 198 5.59 16.36 33.85
N TRP B 199 5.42 15.38 32.95
CA TRP B 199 4.53 15.54 31.79
C TRP B 199 3.07 15.51 32.24
N ALA B 200 2.24 16.38 31.70
CA ALA B 200 0.79 16.35 31.98
C ALA B 200 0.04 15.19 31.30
N PHE B 201 0.49 14.78 30.12
CA PHE B 201 -0.15 13.70 29.32
C PHE B 201 -0.53 12.46 30.13
N HIS B 202 -1.82 12.15 30.16
CA HIS B 202 -2.33 10.97 30.87
C HIS B 202 -2.28 9.71 29.99
N LEU B 203 -1.23 8.92 30.13
CA LEU B 203 -1.04 7.70 29.37
C LEU B 203 -1.38 6.55 30.28
N ASP B 204 -2.37 5.76 29.86
CA ASP B 204 -2.80 4.54 30.53
C ASP B 204 -2.59 3.41 29.53
N LEU B 205 -1.61 2.54 29.84
CA LEU B 205 -1.34 1.30 29.11
C LEU B 205 -1.42 0.18 30.12
N TRP B 206 -2.46 -0.65 30.06
CA TRP B 206 -2.74 -1.57 31.16
C TRP B 206 -1.67 -2.63 31.24
N GLN B 207 -1.17 -2.88 32.44
CA GLN B 207 -0.02 -3.76 32.64
C GLN B 207 -0.48 -5.13 33.09
N ASN B 208 0.20 -6.16 32.61
CA ASN B 208 -0.09 -7.56 32.99
C ASN B 208 1.15 -8.21 33.62
N PRO B 209 1.26 -8.13 34.94
CA PRO B 209 2.43 -8.78 35.59
C PRO B 209 2.45 -10.31 35.42
N TYR B 210 1.27 -10.89 35.28
CA TYR B 210 1.14 -12.34 35.15
C TYR B 210 1.74 -12.88 33.84
N ALA B 211 1.81 -12.06 32.81
CA ALA B 211 2.49 -12.46 31.59
C ALA B 211 3.99 -12.62 31.75
N VAL B 212 4.59 -11.83 32.65
CA VAL B 212 6.03 -11.87 32.85
C VAL B 212 6.43 -13.06 33.68
N SER B 213 5.66 -13.37 34.73
CA SER B 213 5.93 -14.54 35.56
C SER B 213 5.81 -15.79 34.72
N ARG B 214 4.80 -15.86 33.86
CA ARG B 214 4.66 -17.01 32.91
C ARG B 214 5.80 -17.19 31.93
N TYR B 215 6.09 -16.15 31.16
CA TYR B 215 7.10 -16.25 30.11
C TYR B 215 8.49 -16.67 30.66
N TYR B 216 8.87 -16.14 31.84
CA TYR B 216 10.14 -16.48 32.48
C TYR B 216 10.06 -17.66 33.47
N ASN B 217 8.85 -18.15 33.69
CA ASN B 217 8.63 -19.31 34.50
C ASN B 217 9.21 -19.07 35.88
N VAL B 218 8.75 -18.00 36.50
CA VAL B 218 9.09 -17.66 37.85
C VAL B 218 7.85 -17.38 38.66
N GLU B 219 8.02 -17.38 39.96
CA GLU B 219 6.91 -17.30 40.89
C GLU B 219 6.45 -15.86 40.91
N PRO B 220 5.12 -15.67 40.84
CA PRO B 220 4.60 -14.32 40.76
C PRO B 220 4.84 -13.63 42.08
N PHE B 221 5.15 -12.36 41.95
CA PHE B 221 5.60 -11.43 42.96
C PHE B 221 6.78 -11.83 43.84
N SER B 222 7.64 -12.70 43.32
CA SER B 222 8.92 -12.99 43.92
C SER B 222 9.92 -11.95 43.50
N LYS B 223 11.06 -11.94 44.18
CA LYS B 223 12.18 -11.06 43.85
C LYS B 223 12.53 -11.15 42.36
N LYS B 224 12.67 -12.36 41.83
CA LYS B 224 13.02 -12.53 40.42
C LYS B 224 11.97 -11.89 39.53
N HIS B 225 10.69 -12.06 39.87
CA HIS B 225 9.64 -11.45 39.09
C HIS B 225 9.74 -9.93 39.03
N PHE B 226 9.87 -9.29 40.19
CA PHE B 226 10.02 -7.83 40.21
C PHE B 226 11.29 -7.36 39.51
N ASP B 227 12.38 -8.09 39.64
CA ASP B 227 13.63 -7.73 38.93
C ASP B 227 13.45 -7.71 37.40
N LEU B 228 12.76 -8.69 36.86
CA LEU B 228 12.45 -8.73 35.42
C LEU B 228 11.49 -7.61 34.96
N MET B 229 10.51 -7.30 35.82
CA MET B 229 9.55 -6.22 35.54
C MET B 229 10.09 -4.81 35.67
N ARG B 230 11.10 -4.59 36.52
CA ARG B 230 11.58 -3.23 36.69
C ARG B 230 11.94 -2.52 35.35
N PRO B 231 12.91 -3.04 34.55
CA PRO B 231 13.24 -2.26 33.33
C PRO B 231 12.09 -2.23 32.32
N LEU B 232 11.28 -3.26 32.35
CA LEU B 232 10.13 -3.45 31.49
C LEU B 232 9.07 -2.36 31.70
N MET B 233 8.70 -2.17 32.96
CA MET B 233 7.77 -1.11 33.33
C MET B 233 8.39 0.28 33.29
N LYS B 234 9.73 0.37 33.41
CA LYS B 234 10.42 1.65 33.24
C LYS B 234 10.10 2.26 31.87
N LEU B 235 10.06 1.41 30.85
CA LEU B 235 9.67 1.86 29.52
C LEU B 235 8.32 2.60 29.51
N TYR B 236 7.37 2.08 30.29
CA TYR B 236 6.09 2.72 30.48
C TYR B 236 6.24 4.01 31.29
N ALA B 237 6.97 3.99 32.41
CA ALA B 237 7.11 5.24 33.17
C ALA B 237 7.69 6.33 32.30
N ASP B 238 8.70 5.98 31.49
CA ASP B 238 9.51 6.95 30.67
C ASP B 238 8.79 7.46 29.46
N ALA B 239 7.74 6.76 29.09
CA ALA B 239 6.80 7.27 28.11
C ALA B 239 5.71 8.19 28.74
N GLY B 240 5.73 8.41 30.06
CA GLY B 240 4.76 9.26 30.73
C GLY B 240 3.59 8.53 31.40
N GLY B 241 3.71 7.22 31.58
CA GLY B 241 2.64 6.42 32.14
C GLY B 241 2.18 6.90 33.50
N LYS B 242 0.88 6.99 33.69
CA LYS B 242 0.32 7.55 34.90
C LYS B 242 -0.49 6.61 35.72
N VAL B 243 -0.87 5.46 35.16
CA VAL B 243 -1.88 4.60 35.76
C VAL B 243 -1.36 3.21 36.04
N ILE B 244 -1.58 2.77 37.28
CA ILE B 244 -1.24 1.44 37.74
C ILE B 244 -2.46 0.53 37.62
N THR B 245 -2.32 -0.58 36.90
CA THR B 245 -3.42 -1.51 36.73
C THR B 245 -3.40 -2.47 37.91
N ALA B 246 -4.56 -2.69 38.53
CA ALA B 246 -4.66 -3.71 39.57
C ALA B 246 -5.86 -4.56 39.32
N SER B 247 -5.70 -5.86 39.56
CA SER B 247 -6.80 -6.78 39.52
C SER B 247 -7.15 -7.08 40.96
N ILE B 248 -8.28 -6.57 41.44
CA ILE B 248 -8.71 -6.80 42.82
C ILE B 248 -9.63 -8.00 42.94
N MET B 249 -9.75 -8.76 41.87
CA MET B 249 -10.47 -10.02 41.94
C MET B 249 -10.01 -10.95 40.83
N HIS B 250 -10.47 -12.18 40.89
CA HIS B 250 -10.03 -13.24 40.01
C HIS B 250 -10.63 -12.99 38.61
N LYS B 251 -9.75 -12.75 37.63
CA LYS B 251 -10.09 -12.80 36.20
C LYS B 251 -11.08 -11.71 35.79
N PRO B 252 -10.71 -10.43 35.98
CA PRO B 252 -11.64 -9.31 35.65
C PRO B 252 -12.07 -9.29 34.19
N TRP B 253 -11.26 -9.84 33.30
CA TRP B 253 -11.58 -9.90 31.89
C TRP B 253 -11.81 -11.31 31.45
N ASN B 254 -12.11 -12.22 32.38
CA ASN B 254 -12.38 -13.65 32.06
C ASN B 254 -11.34 -14.28 31.12
N GLY B 255 -10.08 -13.94 31.34
CA GLY B 255 -8.96 -14.56 30.63
C GLY B 255 -9.03 -14.33 29.14
N GLN B 256 -9.38 -13.14 28.70
CA GLN B 256 -9.37 -12.87 27.26
C GLN B 256 -7.93 -12.89 26.70
N THR B 257 -6.91 -12.64 27.55
CA THR B 257 -5.49 -12.60 27.13
C THR B 257 -4.81 -13.97 27.32
N TYR B 258 -3.61 -14.17 26.73
CA TYR B 258 -2.87 -15.46 26.87
C TYR B 258 -2.65 -15.77 28.35
N ASP B 259 -2.36 -14.75 29.18
CA ASP B 259 -2.31 -14.90 30.64
C ASP B 259 -3.40 -14.14 31.37
N ALA B 260 -4.16 -14.88 32.17
CA ALA B 260 -5.27 -14.33 32.94
C ALA B 260 -4.75 -13.49 34.08
N PHE B 261 -5.51 -12.50 34.51
CA PHE B 261 -5.17 -11.76 35.69
C PHE B 261 -5.72 -12.53 36.87
N GLU B 262 -4.85 -12.84 37.82
CA GLU B 262 -5.32 -13.34 39.11
C GLU B 262 -5.63 -12.20 40.03
N SER B 263 -6.25 -12.54 41.15
CA SER B 263 -6.58 -11.55 42.17
C SER B 263 -5.36 -11.17 42.97
N MET B 264 -5.16 -9.88 43.08
CA MET B 264 -4.12 -9.31 43.95
C MET B 264 -4.64 -9.08 45.37
N VAL B 265 -5.86 -9.51 45.66
CA VAL B 265 -6.45 -9.42 46.98
C VAL B 265 -6.89 -10.84 47.38
N THR B 266 -6.66 -11.18 48.63
CA THR B 266 -7.19 -12.41 49.16
C THR B 266 -8.59 -12.16 49.68
N TRP B 267 -9.57 -12.88 49.14
CA TRP B 267 -10.98 -12.78 49.59
C TRP B 267 -11.32 -14.01 50.44
N LEU B 268 -11.26 -13.87 51.76
CA LEU B 268 -11.48 -15.02 52.63
C LEU B 268 -12.82 -14.89 53.36
N LYS B 269 -13.74 -15.81 53.10
CA LYS B 269 -14.98 -15.91 53.85
C LYS B 269 -14.80 -16.89 54.99
N LYS B 270 -14.72 -16.39 56.21
CA LYS B 270 -14.54 -17.24 57.39
C LYS B 270 -15.81 -18.00 57.67
N ALA B 271 -15.69 -19.10 58.41
CA ALA B 271 -16.81 -19.97 58.66
C ALA B 271 -17.80 -19.42 59.65
N ASP B 272 -17.50 -18.29 60.28
CA ASP B 272 -18.38 -17.60 61.27
C ASP B 272 -19.13 -16.38 60.69
N GLY B 273 -19.21 -16.27 59.36
CA GLY B 273 -19.82 -15.10 58.71
C GLY B 273 -18.93 -13.87 58.44
N THR B 274 -17.84 -13.72 59.18
CA THR B 274 -16.87 -12.63 59.01
C THR B 274 -16.06 -12.82 57.73
N TRP B 275 -15.53 -11.73 57.20
CA TRP B 275 -14.58 -11.79 56.09
C TRP B 275 -13.23 -11.31 56.52
N TYR B 276 -12.21 -11.86 55.87
CA TYR B 276 -10.82 -11.41 56.03
C TYR B 276 -10.33 -11.07 54.65
N PHE B 277 -9.82 -9.86 54.48
CA PHE B 277 -9.20 -9.46 53.24
C PHE B 277 -7.77 -9.13 53.51
N ASP B 278 -6.89 -9.46 52.57
CA ASP B 278 -5.48 -9.10 52.64
C ASP B 278 -5.02 -8.54 51.32
N TYR B 279 -4.26 -7.45 51.39
CA TYR B 279 -3.88 -6.67 50.22
C TYR B 279 -2.34 -6.71 49.97
N THR B 280 -1.65 -7.66 50.61
CA THR B 280 -0.18 -7.80 50.47
C THR B 280 0.32 -7.85 49.03
N VAL B 281 -0.30 -8.60 48.14
CA VAL B 281 0.10 -8.55 46.75
C VAL B 281 -0.17 -7.18 46.21
N PHE B 282 -1.42 -6.72 46.34
CA PHE B 282 -1.81 -5.40 45.85
C PHE B 282 -0.78 -4.34 46.30
N ASP B 283 -0.41 -4.36 47.57
CA ASP B 283 0.50 -3.36 48.12
C ASP B 283 1.87 -3.46 47.50
N LYS B 284 2.41 -4.67 47.37
CA LYS B 284 3.74 -4.84 46.79
C LYS B 284 3.74 -4.33 45.34
N TRP B 285 2.68 -4.61 44.61
CA TRP B 285 2.59 -4.22 43.18
C TRP B 285 2.49 -2.73 43.00
N VAL B 286 1.66 -2.11 43.82
CA VAL B 286 1.48 -0.67 43.81
C VAL B 286 2.74 0.05 44.24
N GLU B 287 3.35 -0.40 45.33
CA GLU B 287 4.61 0.20 45.85
C GLU B 287 5.69 0.10 44.81
N PHE B 288 5.81 -1.06 44.18
CA PHE B 288 6.77 -1.28 43.10
C PHE B 288 6.61 -0.31 41.94
N MET B 289 5.39 -0.16 41.43
CA MET B 289 5.12 0.81 40.31
C MET B 289 5.31 2.26 40.68
N MET B 290 4.97 2.59 41.92
CA MET B 290 5.17 3.93 42.43
C MET B 290 6.65 4.27 42.50
N ASP B 291 7.44 3.29 42.91
CA ASP B 291 8.87 3.40 42.93
C ASP B 291 9.43 3.75 41.57
N LEU B 292 8.85 3.21 40.49
CA LEU B 292 9.29 3.52 39.13
C LEU B 292 8.84 4.87 38.61
N GLY B 293 7.98 5.58 39.34
CA GLY B 293 7.48 6.86 38.89
C GLY B 293 6.02 6.84 38.40
N VAL B 294 5.37 5.67 38.41
CA VAL B 294 3.96 5.60 38.02
C VAL B 294 3.11 5.78 39.27
N LYS B 295 2.52 6.95 39.46
CA LYS B 295 1.91 7.32 40.73
C LYS B 295 0.60 8.14 40.70
N LYS B 296 0.07 8.48 39.53
CA LYS B 296 -1.05 9.40 39.51
C LYS B 296 -2.40 8.73 39.78
N GLN B 297 -2.52 7.44 39.49
CA GLN B 297 -3.82 6.76 39.59
C GLN B 297 -3.63 5.25 39.72
N ILE B 298 -4.48 4.59 40.50
CA ILE B 298 -4.59 3.17 40.56
C ILE B 298 -5.98 2.83 40.08
N SER B 299 -6.06 1.91 39.12
CA SER B 299 -7.28 1.47 38.49
C SER B 299 -7.49 0.01 38.88
N CYS B 300 -8.56 -0.25 39.64
CA CYS B 300 -8.87 -1.57 40.15
C CYS B 300 -9.99 -2.26 39.36
N TYR B 301 -9.64 -3.32 38.64
CA TYR B 301 -10.56 -4.08 37.84
C TYR B 301 -10.93 -5.37 38.59
N SER B 302 -12.19 -5.74 38.71
CA SER B 302 -13.33 -4.88 38.38
C SER B 302 -14.51 -5.37 39.17
N MET B 303 -15.43 -4.45 39.46
CA MET B 303 -16.73 -4.83 39.97
C MET B 303 -17.69 -5.36 38.98
N VAL B 304 -17.40 -5.15 37.71
CA VAL B 304 -18.26 -5.66 36.66
C VAL B 304 -17.38 -6.44 35.69
N PRO B 305 -16.85 -7.57 36.17
CA PRO B 305 -16.00 -8.40 35.32
C PRO B 305 -16.78 -8.97 34.19
N TRP B 306 -16.08 -9.38 33.16
CA TRP B 306 -16.71 -9.77 31.92
C TRP B 306 -17.60 -10.99 32.06
N ARG B 307 -17.33 -11.84 33.06
CA ARG B 307 -18.23 -12.94 33.47
C ARG B 307 -18.58 -12.68 34.92
N LEU B 308 -19.88 -12.66 35.24
CA LEU B 308 -20.35 -12.18 36.53
C LEU B 308 -20.36 -13.30 37.56
N SER B 309 -19.15 -13.74 37.90
CA SER B 309 -18.92 -14.87 38.75
C SER B 309 -17.73 -14.52 39.62
N PHE B 310 -17.93 -14.30 40.90
CA PHE B 310 -16.87 -13.78 41.76
C PHE B 310 -16.25 -14.85 42.67
N GLN B 311 -14.94 -15.02 42.54
CA GLN B 311 -14.23 -16.03 43.31
C GLN B 311 -14.02 -15.58 44.75
N TYR B 312 -14.14 -16.49 45.69
CA TYR B 312 -13.70 -16.27 47.07
C TYR B 312 -13.18 -17.59 47.71
N PHE B 313 -12.27 -17.46 48.68
CA PHE B 313 -11.80 -18.60 49.43
C PHE B 313 -12.83 -18.88 50.51
N ASP B 314 -13.50 -20.01 50.40
CA ASP B 314 -14.48 -20.42 51.37
C ASP B 314 -13.80 -21.23 52.44
N GLN B 315 -13.67 -20.69 53.62
CA GLN B 315 -12.94 -21.36 54.70
C GLN B 315 -13.64 -22.60 55.18
N ALA B 316 -14.95 -22.59 55.22
CA ALA B 316 -15.67 -23.72 55.75
C ALA B 316 -15.35 -25.01 54.96
N SER B 317 -15.20 -24.90 53.64
CA SER B 317 -14.94 -26.05 52.76
C SER B 317 -13.47 -26.10 52.36
N ASN B 318 -12.70 -25.15 52.89
CA ASN B 318 -11.31 -24.94 52.53
C ASN B 318 -11.08 -25.01 51.01
N SER B 319 -11.85 -24.20 50.28
CA SER B 319 -11.84 -24.28 48.83
C SER B 319 -12.34 -23.00 48.21
N PHE B 320 -12.12 -22.87 46.90
CA PHE B 320 -12.54 -21.73 46.15
C PHE B 320 -13.95 -21.99 45.79
N LYS B 321 -14.79 -20.99 46.06
CA LYS B 321 -16.16 -20.96 45.57
C LYS B 321 -16.42 -19.71 44.70
N PHE B 322 -17.53 -19.77 43.97
CA PHE B 322 -17.99 -18.68 43.12
C PHE B 322 -19.38 -18.18 43.51
N LEU B 323 -19.50 -16.86 43.63
CA LEU B 323 -20.81 -16.18 43.74
C LEU B 323 -21.24 -15.71 42.36
N ASP B 324 -22.35 -16.23 41.85
CA ASP B 324 -22.96 -15.70 40.62
C ASP B 324 -23.99 -14.66 41.03
N ALA B 325 -23.74 -13.42 40.62
CA ALA B 325 -24.50 -12.25 41.06
C ALA B 325 -24.27 -11.10 40.07
N LYS B 326 -25.29 -10.29 39.84
CA LYS B 326 -25.21 -9.19 38.86
C LYS B 326 -25.47 -7.86 39.50
N PRO B 327 -24.94 -6.82 38.90
CA PRO B 327 -25.34 -5.49 39.33
C PRO B 327 -26.86 -5.36 39.26
N GLY B 328 -27.46 -4.86 40.33
CA GLY B 328 -28.96 -4.76 40.38
C GLY B 328 -29.51 -5.82 41.31
N GLU B 329 -28.68 -6.75 41.75
CA GLU B 329 -29.12 -7.72 42.75
C GLU B 329 -28.67 -7.33 44.15
N VAL B 330 -29.49 -7.66 45.13
CA VAL B 330 -29.17 -7.39 46.54
C VAL B 330 -27.93 -8.16 46.96
N ALA B 331 -27.77 -9.39 46.47
CA ALA B 331 -26.65 -10.26 46.84
C ALA B 331 -25.31 -9.69 46.30
N TYR B 332 -25.35 -9.13 45.09
CA TYR B 332 -24.23 -8.43 44.52
C TYR B 332 -23.81 -7.28 45.39
N GLU B 333 -24.76 -6.47 45.81
CA GLU B 333 -24.48 -5.33 46.65
C GLU B 333 -23.91 -5.76 47.99
N GLU B 334 -24.53 -6.72 48.66
CA GLU B 334 -24.05 -7.17 49.96
C GLU B 334 -22.57 -7.67 49.90
N PHE B 335 -22.26 -8.48 48.88
CA PHE B 335 -20.95 -9.06 48.66
C PHE B 335 -19.84 -8.04 48.48
N TRP B 336 -20.12 -6.97 47.73
CA TRP B 336 -19.17 -5.91 47.43
C TRP B 336 -19.05 -4.84 48.48
N MET B 337 -20.14 -4.55 49.16
CA MET B 337 -20.10 -3.54 50.23
C MET B 337 -19.09 -3.89 51.30
N ASN B 338 -19.14 -5.15 51.61
CA ASN B 338 -18.33 -5.73 52.59
C ASN B 338 -16.84 -5.55 52.21
N MET B 339 -16.47 -5.93 51.00
CA MET B 339 -15.11 -5.78 50.55
C MET B 339 -14.69 -4.32 50.42
N LEU B 340 -15.55 -3.51 49.82
CA LEU B 340 -15.19 -2.13 49.55
C LEU B 340 -15.00 -1.33 50.83
N GLN B 341 -15.81 -1.62 51.84
CA GLN B 341 -15.67 -0.89 53.10
C GLN B 341 -14.35 -1.24 53.75
N ASP B 342 -13.87 -2.46 53.55
CA ASP B 342 -12.59 -2.84 54.11
C ASP B 342 -11.44 -2.22 53.28
N PHE B 343 -11.58 -2.29 51.98
CA PHE B 343 -10.63 -1.76 51.02
C PHE B 343 -10.45 -0.26 51.19
N SER B 344 -11.53 0.42 51.47
CA SER B 344 -11.53 1.85 51.72
C SER B 344 -10.69 2.22 52.93
N LYS B 345 -10.90 1.53 54.04
CA LYS B 345 -10.08 1.71 55.26
C LYS B 345 -8.62 1.43 54.97
N HIS B 346 -8.35 0.31 54.32
CA HIS B 346 -6.99 -0.02 53.94
C HIS B 346 -6.31 1.05 53.10
N LEU B 347 -7.02 1.52 52.07
CA LEU B 347 -6.48 2.52 51.16
C LEU B 347 -6.18 3.84 51.88
N LYS B 348 -7.07 4.25 52.78
CA LYS B 348 -6.84 5.48 53.57
C LYS B 348 -5.61 5.35 54.47
N ALA B 349 -5.44 4.17 55.04
CA ALA B 349 -4.29 3.87 55.90
C ALA B 349 -3.00 3.91 55.12
N LYS B 350 -3.00 3.47 53.87
CA LYS B 350 -1.82 3.55 53.03
C LYS B 350 -1.58 4.94 52.40
N GLY B 351 -2.56 5.84 52.47
CA GLY B 351 -2.50 7.15 51.78
C GLY B 351 -2.80 7.11 50.27
N TRP B 352 -3.44 6.07 49.76
CA TRP B 352 -3.71 5.91 48.33
C TRP B 352 -5.17 6.12 47.89
N PHE B 353 -6.04 6.45 48.82
CA PHE B 353 -7.47 6.49 48.57
C PHE B 353 -7.86 7.53 47.52
N ASP B 354 -7.30 8.74 47.62
CA ASP B 354 -7.57 9.79 46.63
C ASP B 354 -7.36 9.39 45.19
N ILE B 355 -6.43 8.48 44.95
CA ILE B 355 -6.05 8.14 43.58
C ILE B 355 -6.62 6.82 43.10
N THR B 356 -7.35 6.10 43.95
CA THR B 356 -7.73 4.73 43.63
C THR B 356 -9.07 4.76 42.97
N HIS B 357 -9.16 4.23 41.76
CA HIS B 357 -10.42 4.21 41.04
C HIS B 357 -10.93 2.79 40.94
N ILE B 358 -12.22 2.60 41.19
CA ILE B 358 -12.87 1.36 40.81
C ILE B 358 -13.14 1.49 39.31
N ALA B 359 -12.68 0.53 38.54
CA ALA B 359 -12.53 0.64 37.08
C ALA B 359 -13.31 -0.42 36.28
N MET B 360 -13.91 0.01 35.17
CA MET B 360 -14.76 -0.86 34.34
C MET B 360 -14.37 -0.71 32.90
N ASP B 361 -14.61 -1.77 32.15
CA ASP B 361 -14.15 -1.88 30.80
C ASP B 361 -15.35 -2.27 29.94
N GLU B 362 -15.93 -1.29 29.27
CA GLU B 362 -16.92 -1.48 28.24
C GLU B 362 -18.21 -2.15 28.73
N ARG B 363 -18.72 -1.70 29.86
CA ARG B 363 -19.93 -2.31 30.40
C ARG B 363 -21.10 -1.46 30.00
N PRO B 364 -22.31 -2.05 30.00
CA PRO B 364 -23.48 -1.24 29.64
C PRO B 364 -23.82 -0.14 30.64
N MET B 365 -24.56 0.83 30.16
CA MET B 365 -25.28 1.79 30.98
C MET B 365 -25.94 1.28 32.24
N LYS B 366 -26.92 0.38 32.12
CA LYS B 366 -27.69 -0.03 33.30
C LYS B 366 -26.80 -0.60 34.40
N ASP B 367 -25.87 -1.47 34.02
CA ASP B 367 -24.98 -2.14 34.97
C ASP B 367 -24.10 -1.10 35.68
N MET B 368 -23.59 -0.13 34.93
CA MET B 368 -22.76 0.95 35.50
C MET B 368 -23.54 1.75 36.58
N GLN B 369 -24.82 2.08 36.30
CA GLN B 369 -25.68 2.76 37.27
C GLN B 369 -25.93 1.97 38.54
N GLU B 370 -26.20 0.68 38.41
CA GLU B 370 -26.43 -0.16 39.57
C GLU B 370 -25.15 -0.35 40.33
N THR B 371 -24.04 -0.43 39.62
CA THR B 371 -22.72 -0.53 40.25
C THR B 371 -22.30 0.73 40.99
N LEU B 372 -22.49 1.90 40.39
CA LEU B 372 -22.25 3.17 41.06
C LEU B 372 -22.96 3.30 42.39
N LYS B 373 -24.23 2.88 42.46
CA LYS B 373 -24.99 2.92 43.72
C LYS B 373 -24.30 2.13 44.80
N VAL B 374 -23.82 0.95 44.41
CA VAL B 374 -23.14 0.09 45.39
C VAL B 374 -21.88 0.78 45.88
N ILE B 375 -21.09 1.26 44.94
CA ILE B 375 -19.85 2.02 45.24
C ILE B 375 -20.14 3.22 46.15
N ARG B 376 -21.13 4.02 45.84
CA ARG B 376 -21.40 5.23 46.63
C ARG B 376 -21.85 4.88 48.00
N LYS B 377 -22.62 3.82 48.13
CA LYS B 377 -23.06 3.36 49.45
C LYS B 377 -21.87 2.90 50.31
N ALA B 378 -20.92 2.22 49.69
CA ALA B 378 -19.67 1.80 50.38
C ALA B 378 -18.86 2.98 50.87
N ASP B 379 -18.62 3.92 49.98
CA ASP B 379 -17.95 5.18 50.31
C ASP B 379 -18.33 6.22 49.28
N LYS B 380 -18.90 7.31 49.74
CA LYS B 380 -19.26 8.43 48.88
C LYS B 380 -18.10 9.04 48.06
N ASP B 381 -16.85 8.85 48.51
CA ASP B 381 -15.69 9.49 47.86
C ASP B 381 -14.82 8.58 47.02
N PHE B 382 -15.26 7.35 46.83
CA PHE B 382 -14.59 6.43 45.94
C PHE B 382 -14.61 6.98 44.55
N LYS B 383 -13.45 7.02 43.89
CA LYS B 383 -13.39 7.47 42.54
C LYS B 383 -13.68 6.29 41.62
N VAL B 384 -14.23 6.59 40.45
CA VAL B 384 -14.66 5.54 39.50
C VAL B 384 -14.17 5.84 38.10
N SER B 385 -13.77 4.82 37.35
CA SER B 385 -13.39 5.03 35.94
C SER B 385 -14.08 4.10 34.95
N LEU B 386 -14.25 4.58 33.72
CA LEU B 386 -14.81 3.79 32.66
C LEU B 386 -14.05 4.06 31.37
N ALA B 387 -13.68 2.97 30.69
CA ALA B 387 -13.24 3.00 29.31
C ALA B 387 -14.32 2.31 28.53
N GLY B 388 -15.07 3.06 27.76
CA GLY B 388 -16.22 2.53 27.08
C GLY B 388 -17.00 3.54 26.27
N THR B 389 -18.31 3.43 26.30
CA THR B 389 -19.18 4.21 25.43
C THR B 389 -19.58 5.53 26.09
N TYR B 390 -19.76 6.58 25.29
CA TYR B 390 -20.18 7.88 25.78
C TYR B 390 -21.64 7.85 26.21
N HIS B 391 -21.89 8.28 27.45
CA HIS B 391 -23.23 8.42 27.99
C HIS B 391 -23.27 9.71 28.81
N LYS B 392 -24.14 10.63 28.40
CA LYS B 392 -24.35 11.89 29.11
C LYS B 392 -24.69 11.63 30.60
N GLU B 393 -25.46 10.60 30.89
CA GLU B 393 -25.86 10.25 32.25
C GLU B 393 -24.68 10.01 33.23
N LEU B 394 -23.52 9.56 32.74
CA LEU B 394 -22.40 9.20 33.60
C LEU B 394 -21.34 10.30 33.76
N LEU B 395 -21.44 11.39 33.03
CA LEU B 395 -20.37 12.39 33.05
C LEU B 395 -19.94 12.92 34.42
N ASP B 396 -20.86 12.95 35.37
CA ASP B 396 -20.59 13.52 36.68
C ASP B 396 -20.12 12.46 37.64
N ASP B 397 -20.57 11.22 37.46
CA ASP B 397 -20.21 10.12 38.35
C ASP B 397 -18.80 9.54 38.09
N LEU B 398 -18.18 9.84 36.95
CA LEU B 398 -16.92 9.22 36.56
C LEU B 398 -15.77 10.19 36.60
N ASN B 399 -14.72 9.84 37.32
CA ASN B 399 -13.53 10.72 37.47
C ASN B 399 -12.49 10.52 36.40
N ASP B 400 -12.45 9.33 35.84
CA ASP B 400 -11.66 9.04 34.62
C ASP B 400 -12.61 8.41 33.63
N TYR B 401 -12.80 9.07 32.50
CA TYR B 401 -13.74 8.61 31.49
C TYR B 401 -12.99 8.58 30.22
N CYS B 402 -12.97 7.42 29.59
CA CYS B 402 -12.24 7.21 28.38
C CYS B 402 -13.18 6.64 27.32
N ILE B 403 -13.18 7.29 26.18
CA ILE B 403 -14.21 7.11 25.18
C ILE B 403 -13.58 6.59 23.87
N THR B 404 -14.31 5.83 23.07
CA THR B 404 -13.81 5.40 21.77
C THR B 404 -13.47 6.61 20.90
N ILE B 405 -12.55 6.47 19.97
CA ILE B 405 -12.13 7.59 19.14
C ILE B 405 -13.24 8.15 18.26
N ALA B 406 -14.14 7.29 17.82
CA ALA B 406 -15.23 7.70 16.94
C ALA B 406 -16.22 8.66 17.61
N GLU B 407 -16.35 8.54 18.93
CA GLU B 407 -17.25 9.33 19.73
C GLU B 407 -16.50 10.51 20.29
N LYS B 408 -17.24 11.58 20.61
CA LYS B 408 -16.65 12.80 21.10
C LYS B 408 -17.43 13.40 22.28
N PHE B 409 -16.67 13.88 23.27
CA PHE B 409 -17.17 14.86 24.22
C PHE B 409 -17.29 16.22 23.58
N THR B 410 -18.29 17.01 24.00
CA THR B 410 -18.39 18.42 23.60
C THR B 410 -17.24 19.21 24.27
N PRO B 411 -16.81 20.32 23.65
CA PRO B 411 -15.78 21.15 24.32
C PRO B 411 -16.23 21.66 25.70
N GLU B 412 -17.54 21.93 25.86
CA GLU B 412 -18.12 22.37 27.14
C GLU B 412 -17.93 21.30 28.16
N GLU B 413 -18.25 20.07 27.79
CA GLU B 413 -18.10 18.94 28.69
C GLU B 413 -16.64 18.71 29.10
N ILE B 414 -15.71 18.95 28.16
CA ILE B 414 -14.30 18.79 28.44
C ILE B 414 -13.75 19.88 29.37
N GLU B 415 -14.14 21.13 29.15
CA GLU B 415 -13.73 22.20 30.08
C GLU B 415 -14.24 21.98 31.52
N ALA B 416 -15.50 21.62 31.69
CA ALA B 416 -16.03 21.36 33.03
C ALA B 416 -15.28 20.23 33.72
N ARG B 417 -15.08 19.13 32.99
CA ARG B 417 -14.29 18.01 33.46
C ARG B 417 -12.84 18.36 33.79
N ARG B 418 -12.19 19.18 32.95
CA ARG B 418 -10.84 19.63 33.29
C ARG B 418 -10.85 20.51 34.55
N LYS B 419 -11.77 21.45 34.60
CA LYS B 419 -11.92 22.30 35.77
C LYS B 419 -12.05 21.53 37.08
N ALA B 420 -12.79 20.42 37.05
CA ALA B 420 -13.07 19.67 38.29
C ALA B 420 -11.98 18.65 38.64
N GLY B 421 -10.86 18.65 37.92
CA GLY B 421 -9.77 17.72 38.22
C GLY B 421 -10.03 16.30 37.71
N LYS B 422 -11.03 16.15 36.83
CA LYS B 422 -11.30 14.88 36.25
C LYS B 422 -10.42 14.68 35.04
N VAL B 423 -10.27 13.42 34.68
CA VAL B 423 -9.46 13.00 33.57
C VAL B 423 -10.37 12.56 32.40
N THR B 424 -10.01 12.94 31.18
CA THR B 424 -10.87 12.73 30.01
C THR B 424 -9.98 12.31 28.85
N THR B 425 -10.12 11.06 28.38
CA THR B 425 -9.19 10.49 27.37
C THR B 425 -9.96 9.81 26.29
N TYR B 426 -9.25 9.18 25.35
CA TYR B 426 -9.86 8.32 24.32
C TYR B 426 -9.03 7.03 24.14
N TYR B 427 -9.65 5.99 23.53
CA TYR B 427 -8.93 4.80 23.12
C TYR B 427 -9.23 4.37 21.72
N THR B 428 -8.32 3.58 21.19
CA THR B 428 -8.58 2.68 20.09
C THR B 428 -8.37 1.30 20.68
N CYS B 429 -8.96 0.35 19.96
CA CYS B 429 -8.95 -1.07 20.28
C CYS B 429 -8.85 -1.82 18.92
N CYS B 430 -9.42 -3.01 18.82
CA CYS B 430 -9.54 -3.73 17.56
C CYS B 430 -10.48 -3.11 16.49
N THR B 431 -11.38 -2.17 16.85
CA THR B 431 -12.40 -1.67 15.86
C THR B 431 -11.78 -0.92 14.67
N GLU B 432 -10.73 -0.14 14.95
CA GLU B 432 -10.27 0.95 14.09
C GLU B 432 -9.07 0.53 13.22
N PRO B 433 -9.27 0.39 11.90
CA PRO B 433 -8.13 -0.05 11.09
C PRO B 433 -6.92 0.89 11.23
N ARG B 434 -7.17 2.19 11.16
CA ARG B 434 -6.20 3.27 11.42
C ARG B 434 -6.92 4.30 12.28
N PRO B 435 -6.24 5.08 13.14
CA PRO B 435 -4.86 4.84 13.58
C PRO B 435 -4.83 3.74 14.61
N ASN B 436 -3.77 2.97 14.60
CA ASN B 436 -3.63 1.93 15.60
C ASN B 436 -2.19 1.53 15.75
N THR B 437 -1.95 0.59 16.65
CA THR B 437 -0.64 0.12 17.02
C THR B 437 -0.58 -1.40 16.86
N PHE B 438 -1.20 -1.94 15.83
CA PHE B 438 -0.95 -3.33 15.43
C PHE B 438 0.48 -3.41 14.91
N THR B 439 1.10 -4.58 14.93
CA THR B 439 2.49 -4.70 14.49
C THR B 439 2.67 -4.32 13.03
N PHE B 440 1.61 -4.51 12.22
CA PHE B 440 1.56 -4.03 10.82
C PHE B 440 1.13 -2.54 10.59
N SER B 441 0.68 -1.82 11.62
CA SER B 441 0.29 -0.41 11.48
C SER B 441 1.49 0.47 11.11
N GLU B 442 1.27 1.56 10.37
CA GLU B 442 2.36 2.47 10.01
C GLU B 442 2.88 3.07 11.31
N PRO B 443 4.20 3.18 11.45
CA PRO B 443 4.78 3.72 12.66
C PRO B 443 4.24 5.08 13.04
N ALA B 444 3.98 5.95 12.07
CA ALA B 444 3.48 7.29 12.38
C ALA B 444 2.11 7.24 13.00
N GLU B 445 1.33 6.18 12.75
CA GLU B 445 0.04 6.08 13.42
C GLU B 445 0.21 6.22 14.93
N ALA B 446 1.21 5.57 15.51
CA ALA B 446 1.37 5.60 16.97
C ALA B 446 1.58 7.00 17.48
N GLU B 447 2.38 7.78 16.75
CA GLU B 447 2.63 9.19 17.09
C GLU B 447 1.37 10.06 16.91
N TRP B 448 0.70 9.88 15.78
CA TRP B 448 -0.57 10.52 15.48
C TRP B 448 -1.54 10.47 16.69
N LEU B 449 -1.54 9.36 17.42
CA LEU B 449 -2.47 9.20 18.54
C LEU B 449 -2.32 10.30 19.57
N ALA B 450 -1.09 10.66 19.89
CA ALA B 450 -0.84 11.74 20.84
C ALA B 450 -1.24 13.10 20.32
N TRP B 451 -1.00 13.35 19.04
CA TRP B 451 -1.40 14.63 18.46
C TRP B 451 -2.90 14.79 18.47
N HIS B 452 -3.62 13.68 18.31
CA HIS B 452 -5.07 13.68 18.27
C HIS B 452 -5.63 14.04 19.62
N SER B 453 -4.97 13.58 20.69
CA SER B 453 -5.30 14.04 22.02
C SER B 453 -5.21 15.56 22.09
N ALA B 454 -4.12 16.12 21.55
CA ALA B 454 -3.94 17.57 21.59
C ALA B 454 -5.00 18.32 20.76
N LYS B 455 -5.44 17.79 19.62
CA LYS B 455 -6.47 18.45 18.83
C LYS B 455 -7.80 18.51 19.58
N GLU B 456 -8.14 17.42 20.27
CA GLU B 456 -9.42 17.30 20.93
C GLU B 456 -9.45 17.89 22.31
N ASN B 457 -8.35 18.49 22.75
CA ASN B 457 -8.18 18.97 24.12
C ASN B 457 -8.46 17.89 25.15
N LEU B 458 -8.06 16.66 24.84
CA LEU B 458 -8.15 15.56 25.79
C LEU B 458 -6.87 15.55 26.62
N ASP B 459 -6.92 14.89 27.76
CA ASP B 459 -5.77 14.78 28.66
C ASP B 459 -4.72 13.75 28.21
N GLY B 460 -5.07 12.84 27.30
CA GLY B 460 -4.17 11.74 27.01
C GLY B 460 -4.77 10.61 26.19
N TYR B 461 -4.27 9.41 26.40
CA TYR B 461 -4.63 8.27 25.59
C TYR B 461 -4.52 7.00 26.41
N LEU B 462 -5.37 6.04 26.09
CA LEU B 462 -5.51 4.76 26.76
C LEU B 462 -5.46 3.61 25.78
N ARG B 463 -4.71 2.59 26.13
CA ARG B 463 -4.74 1.33 25.42
C ARG B 463 -4.68 0.22 26.42
N TRP B 464 -5.32 -0.86 26.08
CA TRP B 464 -5.68 -1.88 27.03
C TRP B 464 -4.61 -2.96 27.30
N ALA B 465 -3.47 -2.92 26.60
CA ALA B 465 -2.45 -3.95 26.77
C ALA B 465 -1.08 -3.47 26.45
N LEU B 466 -0.35 -3.21 27.53
CA LEU B 466 1.08 -2.89 27.47
C LEU B 466 1.90 -4.11 27.13
N ASN B 467 1.63 -5.20 27.83
CA ASN B 467 2.48 -6.38 27.75
C ASN B 467 1.72 -7.67 28.01
N SER B 468 0.52 -7.83 27.43
CA SER B 468 -0.23 -9.10 27.56
C SER B 468 0.23 -10.06 26.49
N TRP B 469 1.45 -10.52 26.69
CA TRP B 469 2.17 -11.31 25.75
C TRP B 469 1.48 -12.60 25.39
N VAL B 470 1.55 -12.91 24.12
CA VAL B 470 1.28 -14.25 23.61
C VAL B 470 2.37 -15.27 23.99
N LYS B 471 2.37 -16.46 23.39
CA LYS B 471 3.32 -17.49 23.82
C LYS B 471 4.76 -17.06 23.55
N ASN B 472 5.04 -16.60 22.33
CA ASN B 472 6.41 -16.28 21.91
C ASN B 472 6.44 -14.88 21.29
N PRO B 473 6.36 -13.85 22.14
CA PRO B 473 6.17 -12.47 21.69
C PRO B 473 7.29 -11.88 20.83
N LEU B 474 8.53 -12.33 20.96
CA LEU B 474 9.65 -11.83 20.12
C LEU B 474 9.60 -12.32 18.68
N GLN B 475 8.96 -13.49 18.49
CA GLN B 475 8.93 -14.21 17.22
C GLN B 475 7.63 -13.93 16.45
N ASP B 476 6.50 -14.11 17.16
CA ASP B 476 5.16 -14.17 16.59
C ASP B 476 4.19 -13.32 17.43
N SER B 477 3.69 -12.22 16.84
CA SER B 477 2.78 -11.30 17.56
C SER B 477 1.29 -11.61 17.37
N ARG B 478 0.98 -12.69 16.63
CA ARG B 478 -0.42 -13.09 16.40
C ARG B 478 -1.00 -13.72 17.62
N PHE B 479 -2.33 -13.67 17.73
CA PHE B 479 -3.08 -14.25 18.84
C PHE B 479 -4.36 -14.91 18.33
N THR B 480 -5.03 -15.70 19.16
CA THR B 480 -6.31 -16.33 18.79
C THR B 480 -7.46 -15.32 18.58
N ALA B 481 -7.24 -14.08 18.96
CA ALA B 481 -8.12 -12.97 18.59
C ALA B 481 -7.34 -11.70 18.20
N TRP B 482 -8.01 -10.87 17.40
CA TRP B 482 -7.54 -9.54 17.00
C TRP B 482 -6.39 -9.54 16.04
N ALA B 483 -6.20 -8.40 15.39
CA ALA B 483 -4.95 -8.11 14.70
C ALA B 483 -3.71 -8.34 15.60
N ALA B 484 -2.63 -8.72 14.93
CA ALA B 484 -1.37 -9.01 15.58
C ALA B 484 -0.83 -7.72 16.17
N GLY B 485 -0.29 -7.81 17.39
CA GLY B 485 0.20 -6.62 18.11
C GLY B 485 -0.81 -5.93 19.01
N ASP B 486 -2.09 -6.37 18.97
CA ASP B 486 -3.14 -5.76 19.77
C ASP B 486 -2.86 -5.89 21.27
N THR B 487 -2.19 -6.98 21.65
CA THR B 487 -2.10 -7.39 23.02
C THR B 487 -0.84 -6.95 23.67
N TYR B 488 0.05 -6.27 22.93
CA TYR B 488 1.30 -5.72 23.57
C TYR B 488 2.06 -4.74 22.73
N MET B 489 2.82 -3.90 23.42
CA MET B 489 3.69 -2.93 22.74
C MET B 489 5.11 -2.92 23.29
N ILE B 490 5.43 -3.71 24.30
CA ILE B 490 6.79 -3.89 24.72
C ILE B 490 7.14 -5.36 24.76
N TYR B 491 8.43 -5.64 24.59
CA TYR B 491 8.89 -6.99 24.38
C TYR B 491 9.81 -7.48 25.51
N PRO B 492 10.01 -8.80 25.61
CA PRO B 492 10.91 -9.36 26.61
C PRO B 492 12.32 -8.85 26.48
N GLY B 493 13.02 -8.82 27.61
CA GLY B 493 14.30 -8.18 27.72
C GLY B 493 14.14 -6.69 27.98
N ALA B 494 12.92 -6.22 28.21
CA ALA B 494 12.70 -4.78 28.39
C ALA B 494 13.07 -4.00 27.11
N ARG B 495 12.61 -4.54 25.98
CA ARG B 495 12.84 -3.96 24.66
C ARG B 495 11.63 -3.19 24.19
N SER B 496 11.84 -1.92 23.85
CA SER B 496 10.79 -1.05 23.33
C SER B 496 10.38 -1.49 21.94
N SER B 497 9.29 -0.92 21.42
CA SER B 497 8.82 -1.19 20.03
C SER B 497 8.95 0.06 19.20
N ILE B 498 8.89 -0.09 17.88
CA ILE B 498 8.76 1.10 17.04
C ILE B 498 7.52 1.84 17.51
N ARG B 499 6.43 1.10 17.73
CA ARG B 499 5.18 1.71 18.11
C ARG B 499 5.29 2.53 19.38
N LEU B 500 5.98 2.03 20.39
CA LEU B 500 6.05 2.77 21.64
C LEU B 500 6.95 3.98 21.55
N GLU B 501 8.03 3.90 20.79
CA GLU B 501 8.94 5.05 20.60
C GLU B 501 8.30 6.20 19.81
N ARG B 502 7.48 5.87 18.81
CA ARG B 502 6.75 6.91 18.04
C ARG B 502 5.63 7.52 18.88
N LEU B 503 4.91 6.68 19.61
CA LEU B 503 3.96 7.18 20.58
C LEU B 503 4.63 8.15 21.58
N THR B 504 5.78 7.79 22.13
CA THR B 504 6.48 8.64 23.08
C THR B 504 6.86 9.95 22.46
N GLU B 505 7.25 9.94 21.18
CA GLU B 505 7.62 11.19 20.50
C GLU B 505 6.39 12.06 20.36
N GLY B 506 5.26 11.46 20.02
CA GLY B 506 3.99 12.17 19.98
C GLY B 506 3.65 12.77 21.31
N ILE B 507 3.82 11.99 22.36
CA ILE B 507 3.57 12.51 23.72
C ILE B 507 4.47 13.71 24.04
N GLN B 508 5.71 13.66 23.62
CA GLN B 508 6.64 14.77 23.83
C GLN B 508 6.14 16.02 23.12
N PHE B 509 5.65 15.86 21.90
CA PHE B 509 5.10 16.99 21.18
C PHE B 509 3.78 17.52 21.79
N PHE B 510 2.97 16.64 22.38
CA PHE B 510 1.79 17.08 23.13
C PHE B 510 2.25 18.03 24.22
N GLU B 511 3.29 17.66 24.95
CA GLU B 511 3.83 18.47 26.03
C GLU B 511 4.39 19.79 25.52
N LYS B 512 5.05 19.77 24.39
CA LYS B 512 5.56 20.99 23.75
C LYS B 512 4.43 21.95 23.33
N VAL B 513 3.40 21.42 22.69
CA VAL B 513 2.22 22.20 22.33
C VAL B 513 1.59 22.88 23.55
N ARG B 514 1.50 22.17 24.66
CA ARG B 514 1.00 22.71 25.93
C ARG B 514 1.90 23.87 26.47
N ILE B 515 3.22 23.68 26.45
CA ILE B 515 4.18 24.71 26.91
C ILE B 515 4.20 25.98 26.02
N LEU B 516 4.02 25.80 24.71
CA LEU B 516 4.02 26.91 23.77
C LEU B 516 2.75 27.71 23.91
N LYS B 517 1.62 27.06 24.03
CA LYS B 517 0.37 27.77 24.29
C LYS B 517 0.36 28.57 25.61
N GLU B 518 0.95 28.03 26.68
CA GLU B 518 1.05 28.77 27.98
C GLU B 518 1.95 29.99 27.87
N GLU B 519 2.98 29.89 27.06
CA GLU B 519 3.84 31.02 26.76
C GLU B 519 3.09 32.06 25.89
N PHE B 520 2.38 31.59 24.86
CA PHE B 520 1.70 32.48 23.92
C PHE B 520 0.46 33.15 24.48
N GLU B 521 -0.22 32.48 25.41
CA GLU B 521 -1.29 33.12 26.22
C GLU B 521 -0.72 34.21 27.15
N GLU B 522 0.46 33.96 27.71
CA GLU B 522 1.19 34.93 28.58
C GLU B 522 1.69 36.18 27.83
N LYS B 523 2.36 35.99 26.70
CA LYS B 523 2.57 37.07 25.72
C LYS B 523 1.18 37.36 25.09
N GLY B 524 1.08 38.26 24.13
CA GLY B 524 -0.20 38.51 23.46
C GLY B 524 -0.47 37.68 22.20
N ASN B 525 0.20 36.55 22.04
CA ASN B 525 0.47 35.97 20.72
C ASN B 525 -0.69 35.16 20.09
N LYS B 526 -1.76 35.85 19.72
CA LYS B 526 -2.90 35.19 19.04
C LYS B 526 -2.59 34.62 17.64
N GLY B 527 -1.56 35.13 16.98
CA GLY B 527 -1.11 34.59 15.68
C GLY B 527 -0.61 33.18 15.81
N ALA B 528 0.23 32.97 16.82
CA ALA B 528 0.82 31.65 17.08
C ALA B 528 -0.21 30.59 17.51
N ILE B 529 -1.13 30.96 18.40
CA ILE B 529 -2.22 30.08 18.85
C ILE B 529 -3.12 29.63 17.70
N LYS B 530 -3.50 30.55 16.81
CA LYS B 530 -4.35 30.20 15.66
C LYS B 530 -3.64 29.24 14.69
N ASN B 531 -2.32 29.39 14.58
CA ASN B 531 -1.54 28.62 13.64
C ASN B 531 -1.38 27.20 14.15
N ILE B 532 -0.88 27.09 15.37
CA ILE B 532 -0.81 25.80 16.06
C ILE B 532 -2.16 25.08 15.93
N ASP B 533 -3.25 25.79 16.21
CA ASP B 533 -4.58 25.16 16.18
C ASP B 533 -4.98 24.67 14.80
N LYS B 534 -4.53 25.32 13.73
CA LYS B 534 -4.89 24.86 12.37
C LYS B 534 -3.98 23.71 11.90
N THR B 535 -2.76 23.64 12.42
CA THR B 535 -1.96 22.44 12.27
C THR B 535 -2.65 21.24 12.92
N LEU B 536 -3.19 21.44 14.11
CA LEU B 536 -3.85 20.38 14.86
C LEU B 536 -5.09 19.82 14.16
N LYS B 537 -5.77 20.61 13.32
CA LYS B 537 -6.95 20.10 12.60
C LYS B 537 -6.66 18.95 11.61
N MET B 538 -5.38 18.76 11.26
CA MET B 538 -4.93 17.60 10.49
C MET B 538 -5.22 16.25 11.19
N PHE B 539 -5.37 16.25 12.51
CA PHE B 539 -5.54 15.01 13.25
C PHE B 539 -7.00 14.65 13.53
N ASP B 540 -7.78 14.64 12.45
CA ASP B 540 -9.14 14.19 12.48
C ASP B 540 -9.17 12.77 11.87
N GLU B 541 -9.88 11.86 12.53
CA GLU B 541 -9.99 10.44 12.12
C GLU B 541 -10.62 10.20 10.75
N SER B 542 -11.34 11.19 10.22
CA SER B 542 -11.94 11.13 8.87
C SER B 542 -11.26 12.04 7.84
N SER B 543 -10.24 12.80 8.27
CA SER B 543 -9.36 13.49 7.32
C SER B 543 -8.03 12.69 7.05
N MET B 544 -8.02 11.38 7.36
CA MET B 544 -6.83 10.52 7.10
C MET B 544 -6.67 10.14 5.64
N ASP B 545 -7.75 10.23 4.87
CA ASP B 545 -7.71 9.89 3.46
C ASP B 545 -7.35 11.06 2.56
N LYS B 546 -7.49 12.31 2.99
CA LYS B 546 -6.84 13.44 2.27
C LYS B 546 -5.42 13.73 2.77
N ILE B 547 -5.15 13.54 4.06
CA ILE B 547 -3.82 13.75 4.64
C ILE B 547 -3.46 12.51 5.41
N SER B 548 -2.39 11.82 5.01
CA SER B 548 -2.02 10.58 5.66
C SER B 548 -1.39 10.83 7.04
N PRO B 549 -1.51 9.87 7.95
CA PRO B 549 -0.92 10.03 9.25
C PRO B 549 0.54 10.44 9.24
N THR B 550 1.30 9.81 8.36
CA THR B 550 2.72 10.12 8.23
C THR B 550 2.94 11.57 7.78
N THR B 551 2.21 12.01 6.77
CA THR B 551 2.32 13.38 6.30
C THR B 551 1.92 14.37 7.38
N ALA B 552 0.82 14.09 8.06
CA ALA B 552 0.29 14.95 9.14
C ALA B 552 1.33 15.20 10.22
N VAL B 553 1.85 14.09 10.75
CA VAL B 553 2.83 14.10 11.83
C VAL B 553 4.04 14.91 11.46
N ASN B 554 4.65 14.60 10.32
CA ASN B 554 5.89 15.29 9.91
C ASN B 554 5.68 16.79 9.66
N LYS B 555 4.53 17.15 9.08
CA LYS B 555 4.17 18.57 8.91
C LYS B 555 4.17 19.26 10.29
N ALA B 556 3.45 18.67 11.24
CA ALA B 556 3.22 19.27 12.55
C ALA B 556 4.46 19.36 13.41
N LYS B 557 5.35 18.37 13.28
CA LYS B 557 6.65 18.39 13.95
C LYS B 557 7.47 19.60 13.52
N LYS B 558 7.56 19.81 12.22
CA LYS B 558 8.32 20.95 11.65
C LYS B 558 7.82 22.28 12.22
N VAL B 559 6.49 22.44 12.20
CA VAL B 559 5.78 23.65 12.65
C VAL B 559 6.07 24.01 14.11
N ILE B 560 5.93 23.03 14.99
CA ILE B 560 6.16 23.24 16.43
C ILE B 560 7.63 23.55 16.71
N ASN B 561 8.51 22.88 15.98
CA ASN B 561 9.93 23.11 16.13
C ASN B 561 10.44 24.43 15.54
N ARG B 562 9.65 25.08 14.69
CA ARG B 562 9.98 26.45 14.24
C ARG B 562 9.75 27.49 15.39
N TYR B 563 8.78 27.28 16.30
CA TYR B 563 8.48 28.26 17.42
C TYR B 563 9.55 28.30 18.52
#